data_7C67
#
_entry.id   7C67
#
_cell.length_a   62.670
_cell.length_b   109.880
_cell.length_c   110.890
_cell.angle_alpha   90.000
_cell.angle_beta   90.000
_cell.angle_gamma   90.000
#
_symmetry.space_group_name_H-M   'P 21 21 21'
#
loop_
_entity.id
_entity.type
_entity.pdbx_description
1 polymer 'Sugar ABC transporter, periplasmic sugar-binding protein'
2 branched beta-D-glucopyranose-(1-4)-beta-D-glucopyranose-(1-4)-alpha-D-glucopyranose
3 non-polymer 'CHLORIDE ION'
4 non-polymer 'SODIUM ION'
5 non-polymer 'SULFUR DIOXIDE'
6 non-polymer 'SULFATE ION'
7 non-polymer 1,2-ETHANEDIOL
8 non-polymer 'CARBONATE ION'
9 water water
#
_entity_poly.entity_id   1
_entity_poly.type   'polypeptide(L)'
_entity_poly.pdbx_seq_one_letter_code
;MQKTLEVWIMPNSPQPAEDFKALVAPFEKAHGVEVKVTVLDWGVAWTKITTAATSGVGPDLTQLGTTWVGAISAMGVLEP
VDDVLEALGGEKAYLPAVWRTTRLEGARQATAVPWFSELRAFYYRTDALKAAGVNPAEMFASWQGFEAGLARLKASSFRD
PETKAPLAPLCTPGKNSWDVLHNAAPWIWGAGGEIVRQAGGRWQSALNSPESLEGLYFFLSLAQKGYVPAESLEKNTAQI
EADFQAGKCAVFASGPWMIQRAQVPEAKGGFAERTAAKNLGVAPYPAGPKGRYTFFGGSNLALFNFSKNKPLAKELLKYL
GGPEAQVRYAQMTGMLPALRSAWSDPSFQQNPLLRTFIQAAQFGRTYPSLAGWGGVENLAVQHLGMAWDLVAQGRLTREA
LKDLMDKASAAINQALRHHHHHH
;
_entity_poly.pdbx_strand_id   A,B
#
loop_
_chem_comp.id
_chem_comp.type
_chem_comp.name
_chem_comp.formula
BGC D-saccharide, beta linking beta-D-glucopyranose 'C6 H12 O6'
CL non-polymer 'CHLORIDE ION' 'Cl -1'
CO3 non-polymer 'CARBONATE ION' 'C O3 -2'
EDO non-polymer 1,2-ETHANEDIOL 'C2 H6 O2'
GLC D-saccharide, alpha linking alpha-D-glucopyranose 'C6 H12 O6'
NA non-polymer 'SODIUM ION' 'Na 1'
SO2 non-polymer 'SULFUR DIOXIDE' 'O2 S'
SO4 non-polymer 'SULFATE ION' 'O4 S -2'
#
# COMPACT_ATOMS: atom_id res chain seq x y z
N GLN A 2 16.05 11.56 -29.61
CA GLN A 2 16.38 12.66 -28.64
C GLN A 2 15.11 13.16 -27.90
N LYS A 3 13.98 13.44 -28.57
CA LYS A 3 12.82 14.05 -27.87
C LYS A 3 12.32 13.02 -26.84
N THR A 4 12.01 13.49 -25.63
CA THR A 4 11.63 12.66 -24.46
C THR A 4 10.41 13.27 -23.74
N LEU A 5 9.52 12.45 -23.21
CA LEU A 5 8.43 12.86 -22.30
C LEU A 5 8.51 11.98 -21.08
N GLU A 6 8.15 12.53 -19.92
CA GLU A 6 8.03 11.78 -18.66
C GLU A 6 6.57 11.82 -18.21
N VAL A 7 6.00 10.66 -17.90
CA VAL A 7 4.57 10.53 -17.52
C VAL A 7 4.52 9.79 -16.21
N TRP A 8 3.78 10.28 -15.24
CA TRP A 8 3.50 9.57 -13.99
C TRP A 8 2.12 8.94 -14.10
N ILE A 9 1.98 7.66 -13.74
CA ILE A 9 0.68 6.98 -13.73
C ILE A 9 0.58 6.21 -12.40
N MET A 10 -0.65 5.84 -12.06
CA MET A 10 -1.00 5.00 -10.90
C MET A 10 -1.22 3.61 -11.44
N PRO A 11 -1.36 2.57 -10.60
CA PRO A 11 -1.47 1.19 -11.08
C PRO A 11 -2.87 0.87 -11.61
N ASN A 12 -3.15 1.19 -12.85
CA ASN A 12 -4.49 1.08 -13.46
C ASN A 12 -4.72 -0.32 -14.08
N SER A 13 -3.66 -1.07 -14.38
CA SER A 13 -3.68 -2.31 -15.18
C SER A 13 -2.81 -3.33 -14.45
N PRO A 14 -2.91 -4.64 -14.76
CA PRO A 14 -2.11 -5.64 -14.07
C PRO A 14 -0.59 -5.41 -14.13
N GLN A 15 -0.03 -4.96 -15.24
CA GLN A 15 1.44 -4.69 -15.36
C GLN A 15 1.60 -3.23 -15.77
N PRO A 16 1.42 -2.29 -14.83
CA PRO A 16 1.10 -0.92 -15.22
C PRO A 16 2.09 -0.28 -16.21
N ALA A 17 3.41 -0.34 -15.93
CA ALA A 17 4.41 0.35 -16.81
C ALA A 17 4.41 -0.34 -18.19
N GLU A 18 4.43 -1.67 -18.20
CA GLU A 18 4.48 -2.46 -19.45
C GLU A 18 3.22 -2.16 -20.26
N ASP A 19 2.05 -2.11 -19.63
CA ASP A 19 0.80 -1.89 -20.37
C ASP A 19 0.85 -0.47 -20.94
N PHE A 20 1.28 0.51 -20.16
CA PHE A 20 1.32 1.90 -20.66
C PHE A 20 2.30 2.02 -21.85
N LYS A 21 3.46 1.38 -21.79
CA LYS A 21 4.49 1.41 -22.87
CA LYS A 21 4.49 1.39 -22.86
C LYS A 21 3.86 0.83 -24.15
N ALA A 22 3.08 -0.26 -24.03
CA ALA A 22 2.39 -0.86 -25.20
C ALA A 22 1.35 0.16 -25.73
N LEU A 23 0.63 0.86 -24.84
CA LEU A 23 -0.40 1.86 -25.23
C LEU A 23 0.24 2.96 -26.08
N VAL A 24 1.42 3.43 -25.69
CA VAL A 24 2.04 4.62 -26.32
C VAL A 24 3.01 4.23 -27.44
N ALA A 25 3.31 2.94 -27.67
CA ALA A 25 4.27 2.50 -28.72
C ALA A 25 3.93 3.14 -30.05
N PRO A 26 2.66 3.15 -30.51
CA PRO A 26 2.36 3.71 -31.84
C PRO A 26 2.69 5.21 -31.92
N PHE A 27 2.37 5.97 -30.86
CA PHE A 27 2.73 7.40 -30.74
C PHE A 27 4.26 7.58 -30.79
N GLU A 28 5.00 6.76 -30.05
CA GLU A 28 6.47 6.89 -29.97
C GLU A 28 7.08 6.67 -31.38
N LYS A 29 6.55 5.72 -32.14
CA LYS A 29 7.09 5.36 -33.49
C LYS A 29 6.71 6.45 -34.49
N ALA A 30 5.48 7.02 -34.41
CA ALA A 30 5.05 8.10 -35.35
C ALA A 30 5.84 9.37 -35.13
N HIS A 31 6.16 9.72 -33.89
CA HIS A 31 6.75 11.03 -33.56
C HIS A 31 8.25 10.92 -33.31
N GLY A 32 8.83 9.73 -33.26
CA GLY A 32 10.22 9.57 -32.79
C GLY A 32 10.43 10.22 -31.43
N VAL A 33 9.65 9.82 -30.43
CA VAL A 33 9.82 10.32 -29.04
C VAL A 33 9.80 9.11 -28.12
N GLU A 34 10.62 9.12 -27.10
CA GLU A 34 10.55 8.07 -26.06
C GLU A 34 9.69 8.63 -24.92
N VAL A 35 8.62 7.95 -24.57
CA VAL A 35 7.80 8.24 -23.36
C VAL A 35 8.32 7.36 -22.22
N LYS A 36 8.85 7.98 -21.19
CA LYS A 36 9.27 7.30 -19.95
C LYS A 36 8.06 7.33 -19.01
N VAL A 37 7.71 6.21 -18.42
CA VAL A 37 6.60 6.17 -17.43
C VAL A 37 7.19 5.81 -16.05
N THR A 38 6.67 6.43 -15.01
CA THR A 38 6.94 6.12 -13.59
C THR A 38 5.62 5.78 -12.95
N VAL A 39 5.54 4.66 -12.23
CA VAL A 39 4.31 4.19 -11.58
C VAL A 39 4.36 4.58 -10.09
N LEU A 40 3.33 5.24 -9.64
CA LEU A 40 3.16 5.74 -8.25
C LEU A 40 1.95 5.03 -7.67
N ASP A 41 2.12 4.36 -6.55
CA ASP A 41 0.97 3.71 -5.88
C ASP A 41 0.02 4.82 -5.43
N TRP A 42 -1.27 4.52 -5.39
CA TRP A 42 -2.30 5.54 -5.07
C TRP A 42 -1.97 6.14 -3.67
N GLY A 43 -1.50 5.33 -2.71
CA GLY A 43 -1.25 5.82 -1.33
C GLY A 43 -0.17 6.90 -1.29
N VAL A 44 0.77 6.95 -2.24
CA VAL A 44 1.84 7.97 -2.20
C VAL A 44 1.59 9.03 -3.29
N ALA A 45 0.58 8.87 -4.14
CA ALA A 45 0.42 9.71 -5.35
C ALA A 45 0.14 11.14 -4.94
N TRP A 46 -0.69 11.36 -3.93
CA TRP A 46 -0.96 12.76 -3.45
C TRP A 46 0.36 13.41 -3.01
N THR A 47 1.17 12.74 -2.22
CA THR A 47 2.41 13.37 -1.69
C THR A 47 3.35 13.71 -2.85
N LYS A 48 3.50 12.79 -3.80
CA LYS A 48 4.47 12.97 -4.92
C LYS A 48 3.98 14.09 -5.84
N ILE A 49 2.69 14.06 -6.17
CA ILE A 49 2.16 15.08 -7.12
C ILE A 49 2.23 16.46 -6.44
N THR A 50 1.86 16.60 -5.16
CA THR A 50 1.94 17.92 -4.46
C THR A 50 3.40 18.39 -4.31
N THR A 51 4.34 17.48 -4.17
CA THR A 51 5.77 17.86 -4.05
C THR A 51 6.27 18.34 -5.43
N ALA A 52 5.88 17.68 -6.52
CA ALA A 52 6.21 18.15 -7.87
C ALA A 52 5.64 19.57 -8.05
N ALA A 53 4.39 19.79 -7.65
CA ALA A 53 3.71 21.08 -7.73
C ALA A 53 4.49 22.15 -6.92
N THR A 54 4.84 21.92 -5.66
CA THR A 54 5.49 22.95 -4.80
CA THR A 54 5.48 22.97 -4.82
C THR A 54 6.93 23.19 -5.30
N SER A 55 7.64 22.15 -5.72
CA SER A 55 9.07 22.24 -6.10
C SER A 55 9.25 22.76 -7.53
N GLY A 56 8.24 22.64 -8.40
CA GLY A 56 8.37 22.99 -9.82
C GLY A 56 9.23 21.98 -10.58
N VAL A 57 9.46 20.79 -10.04
CA VAL A 57 10.26 19.69 -10.68
C VAL A 57 9.39 18.43 -10.67
N GLY A 58 9.24 17.77 -11.81
CA GLY A 58 8.48 16.51 -11.91
C GLY A 58 8.37 16.09 -13.36
N PRO A 59 7.27 15.41 -13.74
CA PRO A 59 7.12 14.90 -15.09
C PRO A 59 6.54 16.00 -15.99
N ASP A 60 6.33 15.66 -17.26
CA ASP A 60 5.58 16.49 -18.21
C ASP A 60 4.08 16.26 -17.92
N LEU A 61 3.66 15.01 -17.88
CA LEU A 61 2.24 14.63 -17.68
C LEU A 61 2.15 13.85 -16.38
N THR A 62 1.02 14.02 -15.68
CA THR A 62 0.67 13.12 -14.58
C THR A 62 -0.79 12.71 -14.74
N GLN A 63 -1.03 11.48 -14.36
CA GLN A 63 -2.38 10.99 -14.07
C GLN A 63 -2.84 11.77 -12.86
N LEU A 64 -4.08 12.22 -12.87
CA LEU A 64 -4.72 12.85 -11.69
C LEU A 64 -6.07 12.16 -11.49
N GLY A 65 -6.30 11.60 -10.31
CA GLY A 65 -7.67 11.21 -9.96
C GLY A 65 -8.63 12.36 -10.23
N THR A 66 -9.82 12.07 -10.74
CA THR A 66 -10.81 13.12 -11.02
C THR A 66 -11.00 14.02 -9.80
N THR A 67 -10.99 13.47 -8.58
CA THR A 67 -11.38 14.26 -7.37
C THR A 67 -10.25 15.21 -6.98
N TRP A 68 -9.07 15.06 -7.61
CA TRP A 68 -7.90 15.92 -7.30
C TRP A 68 -7.67 17.02 -8.34
N VAL A 69 -8.44 17.08 -9.40
CA VAL A 69 -8.15 17.99 -10.53
C VAL A 69 -8.28 19.42 -10.03
N GLY A 70 -9.37 19.73 -9.33
CA GLY A 70 -9.55 21.07 -8.74
C GLY A 70 -8.38 21.44 -7.85
N ALA A 71 -8.03 20.56 -6.92
CA ALA A 71 -7.04 20.76 -5.88
C ALA A 71 -5.66 21.08 -6.48
N ILE A 72 -5.20 20.32 -7.49
CA ILE A 72 -3.86 20.61 -8.08
C ILE A 72 -3.99 21.88 -8.93
N SER A 73 -5.12 22.05 -9.63
CA SER A 73 -5.34 23.24 -10.48
C SER A 73 -5.20 24.48 -9.61
N ALA A 74 -5.78 24.46 -8.42
CA ALA A 74 -5.83 25.66 -7.53
C ALA A 74 -4.38 26.02 -7.09
N MET A 75 -3.42 25.10 -7.20
CA MET A 75 -2.01 25.40 -6.86
C MET A 75 -1.30 26.18 -7.96
N GLY A 76 -1.96 26.46 -9.09
CA GLY A 76 -1.41 27.30 -10.19
C GLY A 76 -0.37 26.59 -11.04
N VAL A 77 -0.32 25.24 -11.06
CA VAL A 77 0.79 24.45 -11.65
C VAL A 77 0.38 23.71 -12.93
N LEU A 78 -0.88 23.78 -13.38
CA LEU A 78 -1.31 22.99 -14.55
C LEU A 78 -1.48 23.89 -15.77
N GLU A 79 -1.17 23.35 -16.92
CA GLU A 79 -1.34 24.01 -18.24
C GLU A 79 -2.79 23.95 -18.62
N PRO A 80 -3.41 25.05 -19.11
CA PRO A 80 -4.74 24.96 -19.72
C PRO A 80 -4.73 24.02 -20.92
N VAL A 81 -5.75 23.19 -21.08
CA VAL A 81 -5.80 22.18 -22.17
C VAL A 81 -7.14 22.30 -22.92
N ASP A 82 -7.74 23.48 -22.92
CA ASP A 82 -8.97 23.75 -23.72
C ASP A 82 -8.75 23.38 -25.20
N ASP A 83 -7.53 23.61 -25.74
CA ASP A 83 -7.23 23.35 -27.17
C ASP A 83 -7.33 21.82 -27.37
N VAL A 84 -6.76 21.02 -26.47
CA VAL A 84 -6.82 19.54 -26.62
C VAL A 84 -8.28 19.11 -26.54
N LEU A 85 -9.03 19.61 -25.58
CA LEU A 85 -10.44 19.16 -25.40
C LEU A 85 -11.28 19.50 -26.63
N GLU A 86 -11.07 20.68 -27.21
CA GLU A 86 -11.72 21.14 -28.49
C GLU A 86 -11.37 20.14 -29.60
N ALA A 87 -10.09 19.80 -29.78
CA ALA A 87 -9.63 18.83 -30.80
C ALA A 87 -10.30 17.47 -30.58
N LEU A 88 -10.64 17.06 -29.33
CA LEU A 88 -11.31 15.77 -29.05
C LEU A 88 -12.84 15.91 -29.13
N GLY A 89 -13.38 17.10 -29.49
CA GLY A 89 -14.83 17.26 -29.73
C GLY A 89 -15.56 18.12 -28.69
N GLY A 90 -14.84 18.70 -27.74
CA GLY A 90 -15.39 19.65 -26.78
C GLY A 90 -16.35 19.01 -25.78
N GLU A 91 -17.19 19.83 -25.14
CA GLU A 91 -18.06 19.46 -23.99
C GLU A 91 -18.96 18.27 -24.40
N LYS A 92 -19.38 18.21 -25.66
CA LYS A 92 -20.40 17.23 -26.13
C LYS A 92 -19.76 15.85 -26.25
N ALA A 93 -18.42 15.76 -26.26
CA ALA A 93 -17.74 14.46 -26.43
C ALA A 93 -17.73 13.71 -25.09
N TYR A 94 -18.17 14.36 -24.00
CA TYR A 94 -18.09 13.82 -22.62
C TYR A 94 -19.47 13.83 -21.93
N LEU A 95 -19.73 12.84 -21.05
CA LEU A 95 -20.78 12.91 -20.02
C LEU A 95 -20.57 14.20 -19.22
N PRO A 96 -21.64 14.90 -18.83
CA PRO A 96 -21.51 16.10 -18.01
C PRO A 96 -20.67 15.92 -16.72
N ALA A 97 -20.83 14.79 -16.03
CA ALA A 97 -20.07 14.47 -14.79
C ALA A 97 -18.57 14.42 -15.13
N VAL A 98 -18.22 13.84 -16.27
CA VAL A 98 -16.77 13.76 -16.68
C VAL A 98 -16.28 15.15 -17.05
N TRP A 99 -17.08 15.95 -17.78
CA TRP A 99 -16.69 17.31 -18.19
C TRP A 99 -16.41 18.19 -16.98
N ARG A 100 -17.14 18.02 -15.86
CA ARG A 100 -16.88 18.82 -14.63
C ARG A 100 -15.52 18.50 -14.03
N THR A 101 -14.96 17.32 -14.28
CA THR A 101 -13.64 16.91 -13.69
C THR A 101 -12.49 17.50 -14.49
N THR A 102 -12.77 18.19 -15.62
CA THR A 102 -11.70 18.82 -16.45
C THR A 102 -11.18 20.11 -15.84
N ARG A 103 -11.75 20.60 -14.74
CA ARG A 103 -11.37 21.93 -14.23
C ARG A 103 -11.76 22.06 -12.73
N LEU A 104 -11.08 22.99 -12.07
CA LEU A 104 -11.50 23.59 -10.78
C LEU A 104 -12.88 24.22 -10.96
N GLU A 105 -13.79 23.96 -10.03
CA GLU A 105 -15.14 24.60 -10.07
C GLU A 105 -15.00 26.10 -10.28
N GLY A 106 -15.77 26.68 -11.20
CA GLY A 106 -15.78 28.11 -11.49
C GLY A 106 -14.60 28.58 -12.33
N ALA A 107 -13.64 27.71 -12.70
CA ALA A 107 -12.52 28.11 -13.58
C ALA A 107 -13.01 28.24 -15.04
N ARG A 108 -12.46 29.21 -15.75
CA ARG A 108 -12.72 29.52 -17.18
C ARG A 108 -12.04 28.44 -18.06
N GLN A 109 -10.89 27.93 -17.61
CA GLN A 109 -10.03 27.02 -18.43
C GLN A 109 -9.95 25.60 -17.85
N ALA A 110 -10.05 24.61 -18.72
CA ALA A 110 -9.84 23.18 -18.40
C ALA A 110 -8.34 23.01 -18.13
N THR A 111 -8.01 22.17 -17.17
CA THR A 111 -6.62 21.90 -16.73
C THR A 111 -6.39 20.40 -16.72
N ALA A 112 -7.29 19.56 -17.23
CA ALA A 112 -7.07 18.11 -17.31
C ALA A 112 -7.91 17.52 -18.45
N VAL A 113 -7.38 16.51 -19.10
CA VAL A 113 -8.00 15.73 -20.21
C VAL A 113 -8.51 14.40 -19.68
N PRO A 114 -9.81 14.09 -19.84
CA PRO A 114 -10.37 12.83 -19.33
C PRO A 114 -9.65 11.64 -19.91
N TRP A 115 -9.26 10.68 -19.07
CA TRP A 115 -8.51 9.50 -19.52
C TRP A 115 -9.37 8.25 -19.40
N PHE A 116 -9.85 7.96 -18.20
CA PHE A 116 -10.76 6.80 -18.03
C PHE A 116 -11.74 7.13 -16.93
N SER A 117 -12.82 6.38 -16.95
CA SER A 117 -13.91 6.50 -15.95
C SER A 117 -14.04 5.20 -15.18
N GLU A 118 -14.56 5.30 -13.98
CA GLU A 118 -14.84 4.09 -13.16
C GLU A 118 -15.92 4.47 -12.14
N LEU A 119 -16.69 3.50 -11.71
CA LEU A 119 -17.75 3.69 -10.71
C LEU A 119 -17.84 2.38 -9.93
N ARG A 120 -18.54 2.40 -8.81
CA ARG A 120 -18.45 1.32 -7.81
C ARG A 120 -19.75 0.51 -7.83
N ALA A 121 -19.60 -0.79 -7.58
CA ALA A 121 -20.68 -1.76 -7.49
C ALA A 121 -20.15 -2.88 -6.62
N PHE A 122 -20.99 -3.83 -6.30
CA PHE A 122 -20.65 -4.99 -5.43
C PHE A 122 -20.33 -6.18 -6.33
N TYR A 123 -19.13 -6.71 -6.17
CA TYR A 123 -18.79 -8.06 -6.61
C TYR A 123 -19.32 -9.00 -5.55
N TYR A 124 -19.80 -10.15 -6.00
CA TYR A 124 -20.25 -11.21 -5.07
C TYR A 124 -19.92 -12.58 -5.65
N ARG A 125 -19.73 -13.53 -4.74
CA ARG A 125 -19.48 -14.96 -5.03
C ARG A 125 -20.82 -15.61 -5.35
N THR A 126 -21.00 -15.97 -6.61
CA THR A 126 -22.24 -16.55 -7.14
C THR A 126 -22.53 -17.84 -6.35
N ASP A 127 -21.48 -18.64 -6.13
CA ASP A 127 -21.54 -19.94 -5.42
C ASP A 127 -21.95 -19.69 -3.95
N ALA A 128 -21.40 -18.68 -3.29
CA ALA A 128 -21.67 -18.40 -1.86
C ALA A 128 -23.12 -17.94 -1.68
N LEU A 129 -23.58 -17.04 -2.54
CA LEU A 129 -24.97 -16.52 -2.42
C LEU A 129 -25.97 -17.64 -2.74
N LYS A 130 -25.70 -18.49 -3.74
CA LYS A 130 -26.61 -19.60 -4.07
C LYS A 130 -26.71 -20.55 -2.87
N ALA A 131 -25.58 -20.95 -2.26
CA ALA A 131 -25.55 -21.86 -1.08
C ALA A 131 -26.28 -21.22 0.12
N ALA A 132 -26.22 -19.91 0.30
CA ALA A 132 -26.84 -19.19 1.43
C ALA A 132 -28.35 -19.01 1.16
N GLY A 133 -28.83 -19.28 -0.05
CA GLY A 133 -30.23 -19.00 -0.47
C GLY A 133 -30.47 -17.51 -0.64
N VAL A 134 -29.48 -16.72 -1.06
CA VAL A 134 -29.70 -15.26 -1.27
C VAL A 134 -29.98 -14.98 -2.74
N ASN A 135 -31.09 -14.32 -3.02
CA ASN A 135 -31.43 -13.75 -4.34
C ASN A 135 -30.71 -12.41 -4.45
N PRO A 136 -29.71 -12.33 -5.35
CA PRO A 136 -28.99 -11.08 -5.53
C PRO A 136 -29.90 -9.86 -5.81
N ALA A 137 -30.95 -10.03 -6.62
CA ALA A 137 -31.90 -8.93 -6.95
C ALA A 137 -32.53 -8.36 -5.65
N GLU A 138 -32.79 -9.19 -4.65
CA GLU A 138 -33.32 -8.75 -3.33
C GLU A 138 -32.21 -8.13 -2.47
N MET A 139 -31.07 -8.78 -2.39
CA MET A 139 -29.97 -8.30 -1.52
C MET A 139 -29.52 -6.91 -1.98
N PHE A 140 -29.46 -6.63 -3.29
CA PHE A 140 -28.85 -5.36 -3.75
C PHE A 140 -29.95 -4.35 -4.12
N ALA A 141 -31.20 -4.58 -3.73
CA ALA A 141 -32.31 -3.63 -4.06
C ALA A 141 -32.34 -2.45 -3.06
N SER A 142 -32.12 -2.71 -1.77
CA SER A 142 -32.47 -1.80 -0.65
C SER A 142 -31.50 -2.02 0.52
N TRP A 143 -31.44 -1.08 1.47
CA TRP A 143 -30.57 -1.28 2.65
C TRP A 143 -31.06 -2.48 3.46
N GLN A 144 -32.37 -2.63 3.65
CA GLN A 144 -32.91 -3.77 4.44
C GLN A 144 -32.50 -5.08 3.75
N GLY A 145 -32.71 -5.18 2.43
CA GLY A 145 -32.35 -6.41 1.70
C GLY A 145 -30.85 -6.67 1.81
N PHE A 146 -30.02 -5.61 1.79
CA PHE A 146 -28.55 -5.79 1.86
C PHE A 146 -28.15 -6.38 3.21
N GLU A 147 -28.74 -5.89 4.30
CA GLU A 147 -28.40 -6.40 5.65
C GLU A 147 -28.96 -7.83 5.83
N ALA A 148 -30.14 -8.09 5.27
CA ALA A 148 -30.83 -9.41 5.31
C ALA A 148 -29.95 -10.43 4.56
N GLY A 149 -29.45 -10.08 3.37
CA GLY A 149 -28.50 -10.94 2.66
C GLY A 149 -27.23 -11.22 3.44
N LEU A 150 -26.63 -10.22 4.06
CA LEU A 150 -25.41 -10.40 4.88
C LEU A 150 -25.71 -11.35 6.04
N ALA A 151 -26.89 -11.24 6.64
CA ALA A 151 -27.33 -12.15 7.73
C ALA A 151 -27.37 -13.61 7.21
N ARG A 152 -27.98 -13.86 6.06
CA ARG A 152 -27.98 -15.23 5.49
C ARG A 152 -26.52 -15.66 5.22
N LEU A 153 -25.68 -14.76 4.68
CA LEU A 153 -24.29 -15.14 4.33
C LEU A 153 -23.54 -15.52 5.62
N LYS A 154 -23.78 -14.79 6.70
CA LYS A 154 -23.10 -15.04 8.00
C LYS A 154 -23.52 -16.41 8.54
N ALA A 155 -24.80 -16.78 8.41
CA ALA A 155 -25.33 -18.07 8.90
C ALA A 155 -24.91 -19.21 7.99
N SER A 156 -24.55 -18.99 6.73
CA SER A 156 -24.36 -20.09 5.74
C SER A 156 -23.28 -21.06 6.26
N SER A 157 -23.40 -22.35 5.99
CA SER A 157 -22.34 -23.35 6.22
C SER A 157 -21.47 -23.56 4.96
N PHE A 158 -21.67 -22.77 3.91
CA PHE A 158 -20.78 -22.81 2.71
C PHE A 158 -19.31 -22.61 3.12
N ARG A 159 -18.40 -23.40 2.53
CA ARG A 159 -16.93 -23.20 2.66
C ARG A 159 -16.33 -23.05 1.26
N ASP A 160 -15.37 -22.15 1.09
CA ASP A 160 -14.62 -22.02 -0.18
C ASP A 160 -14.01 -23.39 -0.52
N PRO A 161 -14.17 -23.89 -1.76
CA PRO A 161 -13.56 -25.12 -2.20
C PRO A 161 -12.03 -25.16 -2.03
N GLU A 162 -11.34 -24.05 -2.21
CA GLU A 162 -9.86 -24.00 -2.10
C GLU A 162 -9.46 -23.78 -0.61
N THR A 163 -10.03 -22.77 0.09
CA THR A 163 -9.60 -22.46 1.49
C THR A 163 -10.13 -23.51 2.48
N LYS A 164 -11.20 -24.23 2.14
CA LYS A 164 -11.90 -25.14 3.08
C LYS A 164 -12.47 -24.39 4.28
N ALA A 165 -12.59 -23.06 4.21
CA ALA A 165 -13.05 -22.23 5.34
C ALA A 165 -14.26 -21.42 4.93
N PRO A 166 -15.05 -20.87 5.89
CA PRO A 166 -16.16 -19.99 5.59
C PRO A 166 -15.63 -18.71 4.94
N LEU A 167 -16.54 -17.97 4.32
CA LEU A 167 -16.27 -16.62 3.74
C LEU A 167 -16.84 -15.56 4.69
N ALA A 168 -16.10 -14.48 4.93
CA ALA A 168 -16.68 -13.27 5.56
C ALA A 168 -17.81 -12.81 4.65
N PRO A 169 -18.98 -12.39 5.17
CA PRO A 169 -20.04 -11.90 4.28
C PRO A 169 -19.60 -10.69 3.43
N LEU A 170 -18.94 -9.73 4.07
CA LEU A 170 -18.53 -8.45 3.44
C LEU A 170 -17.13 -8.08 3.92
N CYS A 171 -16.25 -7.74 3.01
CA CYS A 171 -14.93 -7.13 3.31
C CYS A 171 -14.95 -5.70 2.77
N THR A 172 -14.41 -4.78 3.55
CA THR A 172 -14.22 -3.38 3.19
C THR A 172 -12.98 -2.85 3.92
N PRO A 173 -12.16 -2.02 3.24
CA PRO A 173 -10.92 -1.50 3.80
C PRO A 173 -11.25 -0.46 4.88
N GLY A 174 -10.54 -0.56 5.98
CA GLY A 174 -10.72 0.36 7.13
C GLY A 174 -9.62 1.39 7.21
N LYS A 175 -8.56 1.29 6.40
CA LYS A 175 -7.43 2.22 6.60
C LYS A 175 -6.69 2.54 5.32
N ASN A 176 -5.99 3.68 5.38
CA ASN A 176 -5.01 4.19 4.40
C ASN A 176 -5.63 4.67 3.11
N SER A 177 -6.26 3.79 2.36
CA SER A 177 -6.91 4.07 1.07
CA SER A 177 -6.91 4.08 1.05
C SER A 177 -8.02 5.16 0.87
N TRP A 178 -7.89 5.85 -0.27
CA TRP A 178 -8.87 6.89 -0.67
C TRP A 178 -10.26 6.23 -0.67
N ASP A 179 -10.28 4.93 -0.93
CA ASP A 179 -11.52 4.12 -0.93
C ASP A 179 -12.20 4.11 0.42
N VAL A 180 -11.50 4.38 1.52
CA VAL A 180 -12.20 4.50 2.83
C VAL A 180 -13.30 5.57 2.67
N LEU A 181 -13.01 6.68 1.99
CA LEU A 181 -14.03 7.71 1.71
C LEU A 181 -14.98 7.23 0.63
N HIS A 182 -14.47 6.74 -0.50
CA HIS A 182 -15.33 6.42 -1.67
C HIS A 182 -16.32 5.30 -1.34
N ASN A 183 -15.95 4.41 -0.42
CA ASN A 183 -16.79 3.30 0.08
C ASN A 183 -17.88 3.78 1.05
N ALA A 184 -17.63 4.85 1.83
CA ALA A 184 -18.63 5.43 2.76
C ALA A 184 -19.61 6.34 2.00
N ALA A 185 -19.18 6.99 0.90
CA ALA A 185 -19.98 8.02 0.20
C ALA A 185 -21.38 7.52 -0.20
N PRO A 186 -21.58 6.35 -0.84
CA PRO A 186 -22.93 5.93 -1.23
C PRO A 186 -23.89 5.75 -0.06
N TRP A 187 -23.41 5.36 1.13
CA TRP A 187 -24.29 5.19 2.31
C TRP A 187 -24.69 6.59 2.83
N ILE A 188 -23.71 7.49 2.94
CA ILE A 188 -23.96 8.92 3.24
C ILE A 188 -24.96 9.50 2.22
N TRP A 189 -24.75 9.28 0.93
CA TRP A 189 -25.62 9.89 -0.10
C TRP A 189 -27.02 9.28 -0.04
N GLY A 190 -27.10 7.95 0.16
CA GLY A 190 -28.37 7.21 0.15
C GLY A 190 -29.23 7.57 1.33
N ALA A 191 -28.63 8.07 2.39
CA ALA A 191 -29.36 8.55 3.59
C ALA A 191 -29.81 10.01 3.39
N GLY A 192 -29.36 10.68 2.32
CA GLY A 192 -29.73 12.07 2.01
C GLY A 192 -28.63 13.04 2.48
N GLY A 193 -27.50 12.51 2.91
CA GLY A 193 -26.32 13.27 3.34
C GLY A 193 -25.44 13.64 2.17
N GLU A 194 -24.31 14.25 2.51
CA GLU A 194 -23.26 14.59 1.53
C GLU A 194 -21.96 14.77 2.28
N ILE A 195 -20.86 14.82 1.53
CA ILE A 195 -19.51 15.02 2.13
C ILE A 195 -19.37 16.48 2.49
N VAL A 196 -19.77 17.37 1.58
CA VAL A 196 -19.69 18.84 1.81
C VAL A 196 -21.00 19.49 1.33
N ARG A 197 -21.24 20.71 1.79
CA ARG A 197 -22.41 21.55 1.39
C ARG A 197 -21.97 23.00 1.28
N GLN A 198 -22.65 23.80 0.48
CA GLN A 198 -22.46 25.27 0.43
C GLN A 198 -23.26 25.94 1.55
N ALA A 199 -22.62 26.65 2.46
CA ALA A 199 -23.28 27.51 3.50
C ALA A 199 -22.49 28.82 3.57
N GLY A 200 -23.17 29.96 3.80
CA GLY A 200 -22.46 31.25 3.96
C GLY A 200 -21.49 31.47 2.81
N GLY A 201 -21.93 31.14 1.59
CA GLY A 201 -21.17 31.31 0.33
C GLY A 201 -19.83 30.57 0.35
N ARG A 202 -19.69 29.50 1.12
CA ARG A 202 -18.45 28.66 1.12
C ARG A 202 -18.86 27.19 1.21
N TRP A 203 -17.95 26.31 0.81
CA TRP A 203 -18.10 24.86 1.03
C TRP A 203 -17.66 24.52 2.44
N GLN A 204 -18.36 23.61 3.12
CA GLN A 204 -17.95 23.13 4.46
C GLN A 204 -18.32 21.64 4.56
N SER A 205 -17.76 20.96 5.55
CA SER A 205 -18.07 19.55 5.82
C SER A 205 -19.57 19.42 6.13
N ALA A 206 -20.19 18.37 5.58
CA ALA A 206 -21.55 17.94 6.02
C ALA A 206 -21.46 16.52 6.60
N LEU A 207 -20.26 16.03 6.95
CA LEU A 207 -20.08 14.63 7.44
C LEU A 207 -20.75 14.50 8.80
N ASN A 208 -21.03 15.61 9.49
CA ASN A 208 -21.65 15.62 10.84
C ASN A 208 -23.09 16.11 10.73
N SER A 209 -23.68 16.14 9.54
CA SER A 209 -25.15 16.40 9.39
C SER A 209 -25.86 15.17 9.90
N PRO A 210 -27.14 15.27 10.31
CA PRO A 210 -27.90 14.10 10.75
C PRO A 210 -27.95 12.98 9.72
N GLU A 211 -28.23 13.31 8.45
CA GLU A 211 -28.38 12.26 7.40
C GLU A 211 -27.00 11.63 7.09
N SER A 212 -25.92 12.41 7.02
CA SER A 212 -24.55 11.87 6.81
C SER A 212 -24.18 10.87 7.92
N LEU A 213 -24.44 11.25 9.17
CA LEU A 213 -24.22 10.33 10.32
C LEU A 213 -25.10 9.09 10.21
N GLU A 214 -26.38 9.21 9.81
CA GLU A 214 -27.32 8.06 9.68
C GLU A 214 -26.75 7.08 8.60
N GLY A 215 -26.29 7.55 7.46
CA GLY A 215 -25.71 6.62 6.46
C GLY A 215 -24.40 6.03 6.94
N LEU A 216 -23.53 6.83 7.53
CA LEU A 216 -22.22 6.34 8.01
C LEU A 216 -22.43 5.32 9.13
N TYR A 217 -23.37 5.59 10.02
CA TYR A 217 -23.68 4.70 11.16
C TYR A 217 -24.19 3.35 10.65
N PHE A 218 -25.06 3.34 9.62
CA PHE A 218 -25.59 2.06 9.07
C PHE A 218 -24.40 1.23 8.55
N PHE A 219 -23.54 1.87 7.79
CA PHE A 219 -22.34 1.23 7.18
C PHE A 219 -21.46 0.62 8.29
N LEU A 220 -21.07 1.41 9.29
CA LEU A 220 -20.16 0.97 10.36
C LEU A 220 -20.86 -0.14 11.14
N SER A 221 -22.20 -0.06 11.29
CA SER A 221 -22.96 -1.05 12.10
CA SER A 221 -22.97 -1.05 12.09
C SER A 221 -22.87 -2.44 11.44
N LEU A 222 -22.60 -2.52 10.14
CA LEU A 222 -22.41 -3.82 9.46
C LEU A 222 -21.19 -4.54 10.08
N ALA A 223 -20.12 -3.85 10.42
CA ALA A 223 -18.94 -4.44 11.10
C ALA A 223 -19.31 -4.75 12.55
N GLN A 224 -20.04 -3.87 13.20
CA GLN A 224 -20.48 -4.06 14.60
C GLN A 224 -21.30 -5.34 14.68
N LYS A 225 -22.11 -5.66 13.67
CA LYS A 225 -22.97 -6.85 13.65
C LYS A 225 -22.19 -8.10 13.23
N GLY A 226 -20.89 -7.99 12.96
CA GLY A 226 -20.04 -9.15 12.65
C GLY A 226 -20.16 -9.55 11.19
N TYR A 227 -20.67 -8.70 10.31
CA TYR A 227 -20.76 -9.02 8.86
C TYR A 227 -19.42 -8.71 8.18
N VAL A 228 -18.61 -7.82 8.78
CA VAL A 228 -17.24 -7.45 8.32
C VAL A 228 -16.28 -7.97 9.39
N PRO A 229 -15.27 -8.79 9.09
CA PRO A 229 -14.32 -9.25 10.09
C PRO A 229 -13.50 -8.07 10.62
N ALA A 230 -13.17 -8.12 11.91
CA ALA A 230 -12.28 -7.17 12.62
C ALA A 230 -11.03 -6.89 11.77
N GLU A 231 -10.38 -7.96 11.24
CA GLU A 231 -9.12 -7.91 10.46
C GLU A 231 -9.26 -6.89 9.32
N SER A 232 -10.39 -6.90 8.62
CA SER A 232 -10.64 -6.06 7.44
CA SER A 232 -10.65 -6.06 7.43
C SER A 232 -10.48 -4.58 7.80
N LEU A 233 -10.80 -4.23 9.06
CA LEU A 233 -10.86 -2.80 9.48
C LEU A 233 -9.45 -2.19 9.59
N GLU A 234 -8.38 -3.00 9.54
CA GLU A 234 -7.00 -2.47 9.52
C GLU A 234 -6.42 -2.54 8.11
N LYS A 235 -7.17 -3.07 7.13
CA LYS A 235 -6.65 -3.28 5.77
C LYS A 235 -6.96 -2.12 4.81
N ASN A 236 -6.13 -1.99 3.80
CA ASN A 236 -6.31 -1.08 2.64
C ASN A 236 -6.99 -1.83 1.51
N THR A 237 -7.25 -1.12 0.42
CA THR A 237 -8.01 -1.62 -0.74
C THR A 237 -7.30 -2.83 -1.34
N ALA A 238 -5.98 -2.75 -1.55
CA ALA A 238 -5.22 -3.81 -2.24
C ALA A 238 -5.37 -5.11 -1.43
N GLN A 239 -5.31 -5.06 -0.12
CA GLN A 239 -5.40 -6.23 0.74
C GLN A 239 -6.82 -6.80 0.72
N ILE A 240 -7.85 -5.94 0.74
CA ILE A 240 -9.27 -6.41 0.63
C ILE A 240 -9.45 -7.06 -0.72
N GLU A 241 -8.97 -6.42 -1.80
CA GLU A 241 -9.05 -7.07 -3.13
C GLU A 241 -8.38 -8.45 -3.09
N ALA A 242 -7.20 -8.52 -2.50
CA ALA A 242 -6.45 -9.81 -2.47
C ALA A 242 -7.23 -10.84 -1.65
N ASP A 243 -7.91 -10.40 -0.58
CA ASP A 243 -8.73 -11.31 0.27
C ASP A 243 -9.90 -11.85 -0.55
N PHE A 244 -10.57 -10.99 -1.33
CA PHE A 244 -11.68 -11.45 -2.19
C PHE A 244 -11.13 -12.47 -3.18
N GLN A 245 -10.00 -12.18 -3.87
CA GLN A 245 -9.45 -13.07 -4.92
C GLN A 245 -9.11 -14.42 -4.30
N ALA A 246 -8.64 -14.40 -3.05
CA ALA A 246 -8.14 -15.57 -2.31
C ALA A 246 -9.32 -16.35 -1.75
N GLY A 247 -10.55 -15.89 -1.89
CA GLY A 247 -11.70 -16.73 -1.49
C GLY A 247 -12.14 -16.55 -0.04
N LYS A 248 -11.84 -15.40 0.56
CA LYS A 248 -12.09 -15.12 2.00
C LYS A 248 -13.32 -14.24 2.25
N CYS A 249 -13.95 -13.66 1.24
CA CYS A 249 -15.06 -12.65 1.31
C CYS A 249 -16.13 -13.02 0.29
N ALA A 250 -17.40 -12.96 0.66
CA ALA A 250 -18.51 -13.26 -0.26
C ALA A 250 -18.84 -12.05 -1.12
N VAL A 251 -18.69 -10.86 -0.52
CA VAL A 251 -19.08 -9.56 -1.13
C VAL A 251 -18.00 -8.50 -0.91
N PHE A 252 -17.75 -7.67 -1.90
CA PHE A 252 -16.96 -6.45 -1.71
C PHE A 252 -17.19 -5.46 -2.83
N ALA A 253 -17.04 -4.18 -2.48
CA ALA A 253 -17.31 -3.03 -3.37
C ALA A 253 -16.04 -2.70 -4.18
N SER A 254 -16.17 -2.66 -5.51
CA SER A 254 -14.98 -2.31 -6.32
C SER A 254 -15.44 -1.67 -7.63
N GLY A 255 -14.48 -1.39 -8.46
CA GLY A 255 -14.70 -0.86 -9.81
C GLY A 255 -14.68 -1.95 -10.87
N PRO A 256 -14.86 -1.56 -12.14
CA PRO A 256 -14.96 -2.55 -13.21
C PRO A 256 -13.63 -3.25 -13.55
N TRP A 257 -12.49 -2.78 -13.02
CA TRP A 257 -11.16 -3.36 -13.33
C TRP A 257 -11.10 -4.82 -12.87
N MET A 258 -11.83 -5.21 -11.84
CA MET A 258 -11.74 -6.60 -11.35
C MET A 258 -12.24 -7.62 -12.39
N ILE A 259 -13.20 -7.26 -13.26
CA ILE A 259 -13.64 -8.11 -14.39
C ILE A 259 -12.43 -8.48 -15.25
N GLN A 260 -11.61 -7.47 -15.59
CA GLN A 260 -10.38 -7.67 -16.39
C GLN A 260 -9.41 -8.55 -15.60
N ARG A 261 -9.25 -8.29 -14.29
CA ARG A 261 -8.24 -9.06 -13.49
C ARG A 261 -8.64 -10.55 -13.42
N ALA A 262 -9.94 -10.82 -13.45
CA ALA A 262 -10.50 -12.20 -13.30
C ALA A 262 -10.14 -13.06 -14.52
N GLN A 263 -9.76 -12.42 -15.62
CA GLN A 263 -9.57 -13.13 -16.92
C GLN A 263 -8.09 -13.37 -17.20
N VAL A 264 -7.19 -13.00 -16.28
CA VAL A 264 -5.73 -12.97 -16.51
C VAL A 264 -5.08 -13.80 -15.38
N PRO A 265 -4.08 -14.67 -15.66
CA PRO A 265 -3.46 -15.48 -14.62
C PRO A 265 -2.73 -14.60 -13.58
N GLU A 266 -2.45 -15.17 -12.42
CA GLU A 266 -1.68 -14.57 -11.30
C GLU A 266 -0.37 -14.02 -11.83
N ALA A 267 0.30 -14.73 -12.73
CA ALA A 267 1.66 -14.37 -13.20
C ALA A 267 1.58 -13.01 -13.90
N LYS A 268 0.44 -12.66 -14.45
CA LYS A 268 0.23 -11.36 -15.19
C LYS A 268 -0.60 -10.40 -14.36
N GLY A 269 -0.80 -10.67 -13.06
CA GLY A 269 -1.38 -9.69 -12.12
C GLY A 269 -2.86 -9.89 -11.93
N GLY A 270 -3.44 -11.01 -12.40
CA GLY A 270 -4.90 -11.29 -12.22
C GLY A 270 -5.14 -12.42 -11.25
N PHE A 271 -6.31 -13.06 -11.36
CA PHE A 271 -6.72 -14.14 -10.42
C PHE A 271 -7.50 -15.23 -11.13
N ALA A 272 -7.18 -15.48 -12.40
CA ALA A 272 -7.94 -16.45 -13.22
C ALA A 272 -7.89 -17.85 -12.57
N GLU A 273 -6.80 -18.18 -11.86
CA GLU A 273 -6.63 -19.52 -11.17
C GLU A 273 -7.65 -19.70 -10.03
N ARG A 274 -8.21 -18.63 -9.49
CA ARG A 274 -8.92 -18.69 -8.18
C ARG A 274 -10.40 -19.00 -8.40
N THR A 275 -11.02 -19.71 -7.47
CA THR A 275 -12.47 -20.00 -7.44
CA THR A 275 -12.47 -20.01 -7.44
C THR A 275 -13.26 -18.72 -7.71
N ALA A 276 -12.91 -17.60 -7.04
CA ALA A 276 -13.68 -16.36 -7.19
C ALA A 276 -13.80 -15.97 -8.66
N ALA A 277 -12.77 -16.24 -9.47
CA ALA A 277 -12.79 -15.88 -10.90
C ALA A 277 -13.87 -16.64 -11.69
N LYS A 278 -14.23 -17.85 -11.27
CA LYS A 278 -15.26 -18.69 -11.96
C LYS A 278 -16.62 -18.53 -11.30
N ASN A 279 -16.72 -17.71 -10.27
CA ASN A 279 -17.93 -17.55 -9.44
C ASN A 279 -18.18 -16.07 -9.22
N LEU A 280 -18.09 -15.27 -10.26
CA LEU A 280 -18.09 -13.81 -10.14
C LEU A 280 -19.45 -13.26 -10.58
N GLY A 281 -20.09 -12.50 -9.71
CA GLY A 281 -21.31 -11.75 -10.03
C GLY A 281 -21.09 -10.30 -9.70
N VAL A 282 -21.89 -9.42 -10.28
CA VAL A 282 -21.84 -7.98 -9.95
C VAL A 282 -23.28 -7.51 -9.70
N ALA A 283 -23.46 -6.65 -8.70
CA ALA A 283 -24.77 -6.01 -8.44
C ALA A 283 -24.55 -4.56 -8.01
N PRO A 284 -25.50 -3.67 -8.32
CA PRO A 284 -25.39 -2.25 -7.99
C PRO A 284 -25.52 -2.03 -6.48
N TYR A 285 -25.05 -0.87 -6.00
CA TYR A 285 -25.37 -0.39 -4.65
C TYR A 285 -26.88 -0.40 -4.48
N PRO A 286 -27.35 -0.84 -3.30
CA PRO A 286 -28.78 -0.80 -3.00
C PRO A 286 -29.22 0.67 -2.87
N ALA A 287 -30.52 0.90 -3.10
CA ALA A 287 -31.18 2.20 -2.88
C ALA A 287 -31.27 2.42 -1.36
N GLY A 288 -30.85 3.59 -0.90
CA GLY A 288 -31.09 4.00 0.51
C GLY A 288 -32.47 4.65 0.65
N PRO A 289 -32.84 5.12 1.85
CA PRO A 289 -34.12 5.79 2.01
C PRO A 289 -34.28 7.04 1.13
N LYS A 290 -33.20 7.71 0.69
CA LYS A 290 -33.34 8.95 -0.13
C LYS A 290 -32.88 8.71 -1.57
N GLY A 291 -32.58 7.47 -1.93
CA GLY A 291 -32.44 7.00 -3.31
C GLY A 291 -31.12 6.27 -3.51
N ARG A 292 -30.78 6.05 -4.77
CA ARG A 292 -29.69 5.14 -5.16
C ARG A 292 -28.55 6.03 -5.66
N TYR A 293 -27.37 5.80 -5.12
CA TYR A 293 -26.16 6.54 -5.47
C TYR A 293 -24.96 5.59 -5.44
N THR A 294 -24.00 5.83 -6.32
CA THR A 294 -22.68 5.17 -6.18
C THR A 294 -21.61 6.21 -6.51
N PHE A 295 -20.39 5.91 -6.12
CA PHE A 295 -19.23 6.75 -6.45
C PHE A 295 -18.92 6.60 -7.95
N PHE A 296 -18.84 7.74 -8.63
CA PHE A 296 -18.36 7.85 -10.00
C PHE A 296 -17.09 8.69 -10.02
N GLY A 297 -16.00 8.09 -10.50
CA GLY A 297 -14.72 8.80 -10.66
C GLY A 297 -13.98 8.39 -11.90
N GLY A 298 -12.69 8.14 -11.70
CA GLY A 298 -11.78 7.93 -12.82
C GLY A 298 -10.53 8.78 -12.68
N SER A 299 -9.82 8.92 -13.80
CA SER A 299 -8.57 9.67 -13.84
C SER A 299 -8.50 10.47 -15.13
N ASN A 300 -7.91 11.66 -15.00
CA ASN A 300 -7.59 12.56 -16.12
C ASN A 300 -6.07 12.65 -16.21
N LEU A 301 -5.62 13.28 -17.29
CA LEU A 301 -4.18 13.55 -17.53
C LEU A 301 -3.98 15.04 -17.54
N ALA A 302 -2.96 15.50 -16.81
CA ALA A 302 -2.66 16.93 -16.64
C ALA A 302 -1.19 17.14 -17.03
N LEU A 303 -0.94 18.30 -17.60
CA LEU A 303 0.36 18.81 -18.05
C LEU A 303 0.82 19.87 -17.09
N PHE A 304 1.95 19.65 -16.42
CA PHE A 304 2.57 20.68 -15.55
C PHE A 304 3.01 21.87 -16.38
N ASN A 305 2.69 23.07 -15.91
CA ASN A 305 2.97 24.32 -16.67
C ASN A 305 4.46 24.62 -16.62
N PHE A 306 5.26 23.88 -15.88
CA PHE A 306 6.75 23.99 -15.93
C PHE A 306 7.34 22.95 -16.92
N SER A 307 6.55 22.10 -17.59
CA SER A 307 7.03 21.21 -18.69
C SER A 307 7.84 22.01 -19.73
N LYS A 308 8.96 21.43 -20.14
CA LYS A 308 9.84 21.94 -21.22
C LYS A 308 9.34 21.46 -22.59
N ASN A 309 8.28 20.65 -22.65
CA ASN A 309 7.85 19.95 -23.88
C ASN A 309 6.34 20.06 -24.10
N LYS A 310 5.77 21.26 -24.02
CA LYS A 310 4.30 21.43 -23.98
C LYS A 310 3.62 21.06 -25.29
N PRO A 311 4.08 21.52 -26.48
CA PRO A 311 3.50 21.10 -27.76
C PRO A 311 3.46 19.57 -27.95
N LEU A 312 4.55 18.91 -27.65
CA LEU A 312 4.64 17.45 -27.80
C LEU A 312 3.73 16.76 -26.74
N ALA A 313 3.72 17.27 -25.51
CA ALA A 313 2.90 16.71 -24.41
C ALA A 313 1.44 16.84 -24.81
N LYS A 314 1.03 17.94 -25.43
CA LYS A 314 -0.37 18.12 -25.84
C LYS A 314 -0.72 17.18 -26.98
N GLU A 315 0.24 16.85 -27.87
CA GLU A 315 -0.01 15.82 -28.91
C GLU A 315 -0.22 14.47 -28.21
N LEU A 316 0.56 14.16 -27.15
CA LEU A 316 0.39 12.88 -26.41
C LEU A 316 -0.99 12.95 -25.73
N LEU A 317 -1.38 14.08 -25.20
CA LEU A 317 -2.73 14.16 -24.52
C LEU A 317 -3.82 13.90 -25.53
N LYS A 318 -3.71 14.51 -26.72
CA LYS A 318 -4.72 14.33 -27.79
C LYS A 318 -4.77 12.82 -28.14
N TYR A 319 -3.63 12.17 -28.21
CA TYR A 319 -3.54 10.74 -28.53
C TYR A 319 -4.24 9.92 -27.44
N LEU A 320 -3.84 10.13 -26.19
CA LEU A 320 -4.32 9.29 -25.07
C LEU A 320 -5.83 9.51 -24.87
N GLY A 321 -6.29 10.72 -25.12
CA GLY A 321 -7.69 11.13 -25.01
C GLY A 321 -8.57 10.71 -26.18
N GLY A 322 -7.99 10.24 -27.28
CA GLY A 322 -8.69 10.00 -28.54
C GLY A 322 -9.22 8.56 -28.70
N PRO A 323 -10.10 8.36 -29.70
CA PRO A 323 -10.89 7.12 -29.79
C PRO A 323 -10.09 5.82 -29.72
N GLU A 324 -9.01 5.72 -30.48
CA GLU A 324 -8.22 4.46 -30.57
C GLU A 324 -7.61 4.13 -29.19
N ALA A 325 -6.85 5.06 -28.64
CA ALA A 325 -6.12 4.90 -27.37
C ALA A 325 -7.15 4.70 -26.23
N GLN A 326 -8.29 5.36 -26.32
CA GLN A 326 -9.37 5.27 -25.32
C GLN A 326 -9.84 3.84 -25.19
N VAL A 327 -10.20 3.22 -26.32
CA VAL A 327 -10.66 1.81 -26.31
C VAL A 327 -9.50 0.93 -25.83
N ARG A 328 -8.30 1.15 -26.39
CA ARG A 328 -7.17 0.25 -26.06
C ARG A 328 -6.89 0.28 -24.56
N TYR A 329 -6.80 1.46 -23.95
CA TYR A 329 -6.41 1.45 -22.52
C TYR A 329 -7.54 0.88 -21.68
N ALA A 330 -8.77 1.16 -22.03
CA ALA A 330 -9.93 0.61 -21.29
C ALA A 330 -9.94 -0.92 -21.40
N GLN A 331 -9.57 -1.51 -22.57
CA GLN A 331 -9.46 -2.97 -22.70
C GLN A 331 -8.37 -3.49 -21.78
N MET A 332 -7.25 -2.77 -21.66
CA MET A 332 -6.06 -3.31 -20.93
C MET A 332 -6.31 -3.20 -19.42
N THR A 333 -7.04 -2.16 -18.99
CA THR A 333 -7.20 -1.83 -17.55
C THR A 333 -8.51 -2.40 -17.00
N GLY A 334 -9.55 -2.56 -17.84
CA GLY A 334 -10.91 -2.89 -17.39
C GLY A 334 -11.66 -1.67 -16.86
N MET A 335 -11.16 -0.46 -17.12
CA MET A 335 -11.91 0.80 -16.84
C MET A 335 -12.89 1.05 -17.98
N LEU A 336 -13.65 2.14 -17.87
CA LEU A 336 -14.53 2.61 -18.94
C LEU A 336 -13.79 3.76 -19.59
N PRO A 337 -13.93 3.92 -20.92
CA PRO A 337 -13.33 5.08 -21.56
C PRO A 337 -13.99 6.32 -20.97
N ALA A 338 -13.25 7.41 -20.97
CA ALA A 338 -13.73 8.72 -20.54
C ALA A 338 -14.44 9.36 -21.74
N LEU A 339 -14.01 9.08 -22.94
CA LEU A 339 -14.64 9.61 -24.18
C LEU A 339 -15.94 8.80 -24.51
N ARG A 340 -17.08 9.45 -24.50
CA ARG A 340 -18.44 8.81 -24.56
C ARG A 340 -18.50 7.85 -25.74
N SER A 341 -17.97 8.27 -26.89
CA SER A 341 -18.06 7.56 -28.18
C SER A 341 -17.37 6.19 -28.09
N ALA A 342 -16.28 6.08 -27.31
CA ALA A 342 -15.52 4.82 -27.12
C ALA A 342 -16.34 3.74 -26.37
N TRP A 343 -17.46 4.08 -25.73
CA TRP A 343 -18.38 3.12 -25.03
C TRP A 343 -19.04 2.15 -26.02
N SER A 344 -19.10 2.45 -27.33
CA SER A 344 -19.78 1.60 -28.35
C SER A 344 -18.97 0.34 -28.67
N ASP A 345 -17.63 0.33 -28.49
CA ASP A 345 -16.79 -0.86 -28.80
C ASP A 345 -17.44 -2.11 -28.18
N PRO A 346 -17.42 -3.28 -28.88
CA PRO A 346 -17.97 -4.53 -28.33
C PRO A 346 -17.29 -5.03 -27.04
N SER A 347 -16.00 -4.73 -26.86
CA SER A 347 -15.27 -5.04 -25.59
C SER A 347 -16.07 -4.54 -24.37
N PHE A 348 -16.81 -3.42 -24.50
CA PHE A 348 -17.70 -2.82 -23.48
C PHE A 348 -19.11 -3.35 -23.66
N GLN A 349 -19.70 -3.20 -24.84
CA GLN A 349 -21.14 -3.51 -25.04
C GLN A 349 -21.40 -5.02 -24.83
N GLN A 350 -20.41 -5.87 -25.13
CA GLN A 350 -20.59 -7.35 -25.14
C GLN A 350 -20.17 -7.96 -23.80
N ASN A 351 -19.78 -7.12 -22.85
CA ASN A 351 -19.26 -7.57 -21.54
C ASN A 351 -20.41 -7.56 -20.53
N PRO A 352 -20.97 -8.72 -20.11
CA PRO A 352 -22.16 -8.74 -19.26
C PRO A 352 -21.99 -8.23 -17.82
N LEU A 353 -20.88 -8.54 -17.17
CA LEU A 353 -20.59 -7.90 -15.86
C LEU A 353 -20.35 -6.40 -16.03
N LEU A 354 -19.77 -5.97 -17.13
CA LEU A 354 -19.51 -4.51 -17.32
C LEU A 354 -20.83 -3.76 -17.56
N ARG A 355 -21.80 -4.44 -18.17
CA ARG A 355 -23.14 -3.87 -18.42
C ARG A 355 -23.73 -3.40 -17.10
N THR A 356 -23.47 -4.13 -16.01
CA THR A 356 -23.98 -3.78 -14.67
C THR A 356 -23.39 -2.43 -14.26
N PHE A 357 -22.10 -2.19 -14.47
CA PHE A 357 -21.43 -0.89 -14.21
C PHE A 357 -21.98 0.19 -15.16
N ILE A 358 -22.14 -0.09 -16.44
CA ILE A 358 -22.66 0.93 -17.40
C ILE A 358 -24.06 1.38 -16.94
N GLN A 359 -24.90 0.47 -16.48
CA GLN A 359 -26.27 0.77 -16.01
C GLN A 359 -26.17 1.50 -14.65
N ALA A 360 -25.17 1.19 -13.84
CA ALA A 360 -25.03 1.84 -12.51
C ALA A 360 -24.64 3.30 -12.71
N ALA A 361 -24.15 3.69 -13.89
CA ALA A 361 -23.69 5.08 -14.14
C ALA A 361 -24.86 6.04 -14.07
N GLN A 362 -26.08 5.57 -14.23
CA GLN A 362 -27.25 6.46 -14.08
C GLN A 362 -27.31 7.04 -12.65
N PHE A 363 -26.82 6.36 -11.64
CA PHE A 363 -26.92 6.74 -10.20
C PHE A 363 -25.57 7.27 -9.71
N GLY A 364 -24.65 7.50 -10.65
CA GLY A 364 -23.25 7.86 -10.38
C GLY A 364 -23.21 9.26 -9.83
N ARG A 365 -22.40 9.48 -8.80
CA ARG A 365 -22.28 10.82 -8.19
C ARG A 365 -20.82 11.08 -7.90
N THR A 366 -20.41 12.33 -8.12
CA THR A 366 -19.02 12.80 -7.92
C THR A 366 -18.98 13.84 -6.80
N TYR A 367 -17.80 14.13 -6.26
CA TYR A 367 -17.56 15.22 -5.32
C TYR A 367 -17.40 16.50 -6.16
N PRO A 368 -17.74 17.67 -5.64
CA PRO A 368 -17.40 18.92 -6.32
C PRO A 368 -15.88 19.02 -6.48
N SER A 369 -15.45 19.66 -7.57
CA SER A 369 -14.00 19.82 -7.92
C SER A 369 -13.45 21.04 -7.18
N LEU A 370 -13.12 20.90 -5.90
CA LEU A 370 -12.82 22.04 -5.00
C LEU A 370 -11.32 22.10 -4.77
N ALA A 371 -10.81 23.33 -4.57
CA ALA A 371 -9.50 23.67 -4.01
C ALA A 371 -9.38 22.95 -2.66
N GLY A 372 -8.28 22.36 -2.33
CA GLY A 372 -8.33 21.79 -0.96
C GLY A 372 -8.92 20.37 -0.87
N TRP A 373 -9.42 19.79 -1.97
CA TRP A 373 -10.07 18.45 -1.94
C TRP A 373 -9.06 17.39 -1.54
N GLY A 374 -7.79 17.53 -1.95
CA GLY A 374 -6.78 16.53 -1.54
C GLY A 374 -6.67 16.46 -0.03
N GLY A 375 -6.70 17.63 0.61
CA GLY A 375 -6.71 17.77 2.08
C GLY A 375 -7.97 17.16 2.67
N VAL A 376 -9.13 17.41 2.06
CA VAL A 376 -10.42 16.82 2.47
C VAL A 376 -10.30 15.29 2.43
N GLU A 377 -9.73 14.73 1.39
CA GLU A 377 -9.71 13.24 1.30
C GLU A 377 -8.75 12.69 2.34
N ASN A 378 -7.58 13.30 2.50
CA ASN A 378 -6.59 12.81 3.52
C ASN A 378 -7.28 12.87 4.87
N LEU A 379 -7.91 13.98 5.20
CA LEU A 379 -8.55 14.12 6.55
C LEU A 379 -9.76 13.18 6.69
N ALA A 380 -10.53 12.98 5.63
CA ALA A 380 -11.73 12.12 5.68
C ALA A 380 -11.26 10.70 5.96
N VAL A 381 -10.28 10.22 5.19
CA VAL A 381 -9.71 8.87 5.29
C VAL A 381 -9.18 8.70 6.71
N GLN A 382 -8.45 9.68 7.23
CA GLN A 382 -7.89 9.61 8.61
C GLN A 382 -9.04 9.43 9.63
N HIS A 383 -10.06 10.29 9.61
CA HIS A 383 -11.16 10.27 10.63
C HIS A 383 -12.08 9.05 10.43
N LEU A 384 -12.42 8.69 9.19
CA LEU A 384 -13.25 7.48 8.92
C LEU A 384 -12.45 6.23 9.36
N GLY A 385 -11.12 6.22 9.17
CA GLY A 385 -10.23 5.20 9.77
C GLY A 385 -10.48 5.06 11.27
N MET A 386 -10.57 6.19 11.98
CA MET A 386 -10.85 6.23 13.46
C MET A 386 -12.31 5.82 13.75
N ALA A 387 -13.27 6.06 12.84
CA ALA A 387 -14.63 5.54 13.04
C ALA A 387 -14.58 4.01 13.02
N TRP A 388 -13.91 3.40 12.04
CA TRP A 388 -13.80 1.93 11.98
C TRP A 388 -13.13 1.43 13.28
N ASP A 389 -12.18 2.18 13.83
CA ASP A 389 -11.52 1.82 15.13
C ASP A 389 -12.53 1.77 16.26
N LEU A 390 -13.55 2.65 16.27
CA LEU A 390 -14.58 2.62 17.33
C LEU A 390 -15.25 1.25 17.30
N VAL A 391 -15.49 0.69 16.10
CA VAL A 391 -16.12 -0.66 15.97
C VAL A 391 -15.15 -1.69 16.54
N ALA A 392 -13.92 -1.73 16.03
CA ALA A 392 -12.84 -2.62 16.54
C ALA A 392 -12.78 -2.57 18.09
N GLN A 393 -12.84 -1.37 18.73
CA GLN A 393 -12.76 -1.19 20.21
C GLN A 393 -14.10 -1.46 20.92
N GLY A 394 -15.21 -1.76 20.22
CA GLY A 394 -16.55 -1.92 20.84
C GLY A 394 -17.07 -0.60 21.45
N ARG A 395 -16.68 0.55 20.87
CA ARG A 395 -17.00 1.91 21.40
C ARG A 395 -17.89 2.62 20.37
N LEU A 396 -18.51 1.91 19.39
CA LEU A 396 -19.37 2.62 18.40
C LEU A 396 -20.73 2.92 19.03
N THR A 397 -21.01 4.21 19.22
CA THR A 397 -22.31 4.80 19.65
C THR A 397 -22.57 6.00 18.73
N ARG A 398 -23.83 6.40 18.66
CA ARG A 398 -24.25 7.55 17.82
C ARG A 398 -23.48 8.80 18.26
N GLU A 399 -23.35 9.03 19.58
CA GLU A 399 -22.65 10.22 20.12
C GLU A 399 -21.13 10.13 19.87
N ALA A 400 -20.49 8.98 19.99
CA ALA A 400 -19.04 8.83 19.69
C ALA A 400 -18.79 9.09 18.19
N LEU A 401 -19.67 8.59 17.30
CA LEU A 401 -19.51 8.88 15.86
C LEU A 401 -19.67 10.38 15.61
N LYS A 402 -20.67 10.99 16.23
CA LYS A 402 -20.94 12.43 16.06
C LYS A 402 -19.71 13.23 16.50
N ASP A 403 -19.17 12.99 17.68
CA ASP A 403 -17.97 13.71 18.22
C ASP A 403 -16.81 13.58 17.24
N LEU A 404 -16.60 12.39 16.69
CA LEU A 404 -15.49 12.11 15.75
C LEU A 404 -15.73 12.84 14.41
N MET A 405 -16.94 12.85 13.90
CA MET A 405 -17.24 13.57 12.63
C MET A 405 -17.26 15.09 12.89
N ASP A 406 -17.53 15.56 14.10
CA ASP A 406 -17.33 16.99 14.45
C ASP A 406 -15.84 17.36 14.28
N LYS A 407 -14.95 16.52 14.80
CA LYS A 407 -13.48 16.70 14.61
C LYS A 407 -13.10 16.64 13.13
N ALA A 408 -13.66 15.68 12.41
CA ALA A 408 -13.39 15.56 10.96
C ALA A 408 -13.79 16.87 10.28
N SER A 409 -14.98 17.38 10.61
CA SER A 409 -15.59 18.56 9.96
C SER A 409 -14.77 19.81 10.27
N ALA A 410 -14.28 19.98 11.49
CA ALA A 410 -13.43 21.15 11.82
C ALA A 410 -12.15 21.15 10.96
N ALA A 411 -11.52 19.98 10.80
CA ALA A 411 -10.25 19.74 10.06
C ALA A 411 -10.51 19.96 8.57
N ILE A 412 -11.60 19.38 8.08
CA ILE A 412 -12.00 19.56 6.66
C ILE A 412 -12.27 21.04 6.34
N ASN A 413 -12.94 21.76 7.23
CA ASN A 413 -13.29 23.18 6.97
C ASN A 413 -11.99 24.02 6.84
N GLN A 414 -10.95 23.75 7.66
CA GLN A 414 -9.60 24.37 7.53
C GLN A 414 -9.03 24.07 6.13
N ALA A 415 -9.08 22.83 5.68
CA ALA A 415 -8.60 22.44 4.34
C ALA A 415 -9.36 23.16 3.23
N LEU A 416 -10.66 23.39 3.33
CA LEU A 416 -11.45 24.06 2.25
C LEU A 416 -11.24 25.57 2.27
N ARG A 417 -10.94 26.15 3.43
CA ARG A 417 -10.65 27.60 3.59
C ARG A 417 -9.20 27.92 3.20
N HIS A 418 -8.26 26.96 3.17
CA HIS A 418 -6.80 27.20 3.30
C HIS A 418 -6.34 28.44 2.50
N LYS B 3 11.56 -23.16 -22.69
CA LYS B 3 11.52 -23.62 -21.28
C LYS B 3 11.59 -22.39 -20.35
N THR B 4 10.80 -22.41 -19.27
CA THR B 4 10.24 -21.17 -18.65
C THR B 4 10.23 -21.31 -17.13
N LEU B 5 10.53 -20.22 -16.41
CA LEU B 5 10.38 -20.19 -14.95
C LEU B 5 9.55 -18.97 -14.59
N GLU B 6 8.75 -19.12 -13.55
CA GLU B 6 7.99 -18.02 -12.96
C GLU B 6 8.56 -17.73 -11.58
N VAL B 7 8.86 -16.47 -11.31
CA VAL B 7 9.36 -16.02 -9.97
C VAL B 7 8.43 -14.92 -9.47
N TRP B 8 8.01 -15.00 -8.21
CA TRP B 8 7.35 -13.87 -7.53
C TRP B 8 8.37 -13.09 -6.71
N ILE B 9 8.39 -11.77 -6.82
CA ILE B 9 9.28 -10.90 -6.02
C ILE B 9 8.43 -9.78 -5.41
N MET B 10 8.99 -9.13 -4.38
CA MET B 10 8.39 -7.95 -3.74
C MET B 10 9.14 -6.75 -4.27
N PRO B 11 8.72 -5.48 -4.00
CA PRO B 11 9.35 -4.32 -4.64
C PRO B 11 10.68 -3.96 -3.98
N ASN B 12 11.75 -4.62 -4.39
CA ASN B 12 13.07 -4.49 -3.70
C ASN B 12 13.90 -3.33 -4.28
N SER B 13 13.54 -2.81 -5.44
CA SER B 13 14.33 -1.84 -6.19
C SER B 13 13.33 -0.84 -6.78
N PRO B 14 13.80 0.33 -7.26
CA PRO B 14 12.89 1.31 -7.83
C PRO B 14 12.02 0.81 -9.00
N GLN B 15 12.55 -0.02 -9.90
CA GLN B 15 11.78 -0.55 -11.05
C GLN B 15 11.82 -2.05 -10.94
N PRO B 16 11.03 -2.65 -10.02
CA PRO B 16 11.34 -4.00 -9.56
C PRO B 16 11.45 -5.05 -10.68
N ALA B 17 10.47 -5.14 -11.57
CA ALA B 17 10.45 -6.15 -12.66
C ALA B 17 11.62 -5.87 -13.59
N GLU B 18 11.77 -4.64 -14.03
CA GLU B 18 12.82 -4.25 -14.97
C GLU B 18 14.19 -4.58 -14.36
N ASP B 19 14.42 -4.18 -13.12
CA ASP B 19 15.71 -4.48 -12.45
C ASP B 19 15.90 -5.99 -12.39
N PHE B 20 14.88 -6.76 -12.00
CA PHE B 20 15.04 -8.23 -11.86
C PHE B 20 15.37 -8.88 -13.24
N LYS B 21 14.72 -8.44 -14.30
CA LYS B 21 14.91 -8.98 -15.68
C LYS B 21 16.37 -8.67 -16.08
N ALA B 22 16.92 -7.49 -15.73
CA ALA B 22 18.32 -7.13 -16.05
C ALA B 22 19.23 -8.06 -15.25
N LEU B 23 18.90 -8.33 -13.97
CA LEU B 23 19.70 -9.23 -13.09
C LEU B 23 19.79 -10.62 -13.75
N VAL B 24 18.70 -11.16 -14.29
CA VAL B 24 18.68 -12.58 -14.73
C VAL B 24 19.04 -12.73 -16.23
N ALA B 25 19.19 -11.63 -16.99
CA ALA B 25 19.44 -11.65 -18.47
C ALA B 25 20.63 -12.57 -18.80
N PRO B 26 21.79 -12.45 -18.09
CA PRO B 26 22.89 -13.38 -18.28
C PRO B 26 22.54 -14.87 -18.06
N PHE B 27 21.75 -15.21 -17.04
CA PHE B 27 21.27 -16.59 -16.81
C PHE B 27 20.38 -17.06 -17.97
N GLU B 28 19.51 -16.19 -18.47
CA GLU B 28 18.59 -16.53 -19.58
C GLU B 28 19.41 -16.87 -20.83
N LYS B 29 20.49 -16.14 -21.08
CA LYS B 29 21.34 -16.32 -22.31
C LYS B 29 22.19 -17.57 -22.14
N ALA B 30 22.72 -17.84 -20.95
CA ALA B 30 23.52 -19.05 -20.67
C ALA B 30 22.66 -20.33 -20.83
N HIS B 31 21.41 -20.32 -20.39
CA HIS B 31 20.58 -21.55 -20.34
C HIS B 31 19.54 -21.59 -21.47
N GLY B 32 19.42 -20.54 -22.29
CA GLY B 32 18.31 -20.44 -23.28
C GLY B 32 16.93 -20.62 -22.65
N VAL B 33 16.62 -19.88 -21.60
CA VAL B 33 15.33 -20.00 -20.86
C VAL B 33 14.81 -18.58 -20.57
N GLU B 34 13.50 -18.39 -20.54
CA GLU B 34 12.90 -17.12 -20.11
C GLU B 34 12.58 -17.24 -18.61
N VAL B 35 13.07 -16.28 -17.80
CA VAL B 35 12.60 -16.11 -16.40
C VAL B 35 11.56 -15.00 -16.39
N LYS B 36 10.33 -15.36 -16.11
CA LYS B 36 9.19 -14.45 -15.97
C LYS B 36 9.14 -14.01 -14.49
N VAL B 37 8.81 -12.76 -14.26
CA VAL B 37 8.78 -12.22 -12.86
C VAL B 37 7.41 -11.51 -12.69
N THR B 38 6.80 -11.70 -11.52
CA THR B 38 5.57 -11.03 -11.08
C THR B 38 5.92 -10.31 -9.78
N VAL B 39 5.56 -9.07 -9.64
CA VAL B 39 5.88 -8.24 -8.46
C VAL B 39 4.61 -8.20 -7.59
N LEU B 40 4.74 -8.55 -6.32
CA LEU B 40 3.69 -8.55 -5.31
C LEU B 40 4.06 -7.50 -4.27
N ASP B 41 3.16 -6.54 -4.00
CA ASP B 41 3.42 -5.57 -2.92
C ASP B 41 3.52 -6.35 -1.58
N TRP B 42 4.32 -5.86 -0.64
CA TRP B 42 4.50 -6.50 0.69
C TRP B 42 3.13 -6.70 1.39
N GLY B 43 2.19 -5.77 1.22
CA GLY B 43 0.90 -5.84 1.96
C GLY B 43 0.07 -7.02 1.48
N VAL B 44 0.25 -7.47 0.23
CA VAL B 44 -0.58 -8.59 -0.27
C VAL B 44 0.27 -9.87 -0.32
N ALA B 45 1.57 -9.79 -0.09
CA ALA B 45 2.47 -10.95 -0.36
C ALA B 45 2.10 -12.15 0.50
N TRP B 46 1.81 -11.95 1.79
CA TRP B 46 1.42 -13.07 2.67
C TRP B 46 0.13 -13.74 2.13
N THR B 47 -0.87 -13.00 1.69
CA THR B 47 -2.15 -13.61 1.20
C THR B 47 -1.85 -14.47 -0.03
N LYS B 48 -1.04 -13.96 -0.95
CA LYS B 48 -0.84 -14.61 -2.26
C LYS B 48 0.05 -15.85 -2.03
N ILE B 49 1.10 -15.70 -1.22
CA ILE B 49 2.02 -16.85 -0.97
C ILE B 49 1.26 -17.94 -0.19
N THR B 50 0.47 -17.61 0.82
CA THR B 50 -0.30 -18.66 1.56
C THR B 50 -1.32 -19.33 0.65
N THR B 51 -1.95 -18.57 -0.26
CA THR B 51 -2.94 -19.12 -1.18
C THR B 51 -2.24 -20.08 -2.15
N ALA B 52 -1.06 -19.74 -2.64
CA ALA B 52 -0.30 -20.65 -3.52
C ALA B 52 -0.04 -21.94 -2.74
N ALA B 53 0.43 -21.82 -1.51
CA ALA B 53 0.78 -22.97 -0.65
C ALA B 53 -0.44 -23.87 -0.45
N THR B 54 -1.61 -23.35 -0.09
CA THR B 54 -2.82 -24.21 0.18
C THR B 54 -3.38 -24.72 -1.14
N SER B 55 -3.27 -24.01 -2.27
CA SER B 55 -3.96 -24.39 -3.53
C SER B 55 -3.09 -25.34 -4.34
N GLY B 56 -1.77 -25.41 -4.09
CA GLY B 56 -0.88 -26.22 -4.94
C GLY B 56 -0.62 -25.57 -6.28
N VAL B 57 -0.95 -24.27 -6.43
CA VAL B 57 -0.83 -23.56 -7.74
C VAL B 57 -0.07 -22.26 -7.51
N GLY B 58 0.97 -21.96 -8.31
CA GLY B 58 1.77 -20.77 -8.01
C GLY B 58 3.00 -20.71 -8.89
N PRO B 59 4.02 -19.92 -8.48
CA PRO B 59 5.24 -19.78 -9.28
C PRO B 59 6.16 -20.98 -9.01
N ASP B 60 7.27 -21.01 -9.70
CA ASP B 60 8.36 -21.95 -9.38
C ASP B 60 9.07 -21.42 -8.14
N LEU B 61 9.52 -20.16 -8.16
CA LEU B 61 10.25 -19.56 -7.03
C LEU B 61 9.40 -18.42 -6.47
N THR B 62 9.48 -18.23 -5.16
CA THR B 62 8.96 -16.98 -4.55
C THR B 62 10.03 -16.42 -3.63
N GLN B 63 10.16 -15.11 -3.67
CA GLN B 63 10.74 -14.33 -2.59
C GLN B 63 9.93 -14.62 -1.33
N LEU B 64 10.63 -14.85 -0.24
CA LEU B 64 10.01 -15.08 1.11
C LEU B 64 10.74 -14.20 2.10
N GLY B 65 10.03 -13.29 2.75
CA GLY B 65 10.63 -12.55 3.86
C GLY B 65 11.22 -13.51 4.85
N THR B 66 12.39 -13.21 5.41
CA THR B 66 13.08 -14.13 6.35
C THR B 66 12.10 -14.54 7.47
N THR B 67 11.23 -13.66 7.92
CA THR B 67 10.41 -13.98 9.15
C THR B 67 9.26 -14.91 8.78
N TRP B 68 9.09 -15.22 7.49
CA TRP B 68 7.96 -16.06 7.00
C TRP B 68 8.46 -17.44 6.60
N VAL B 69 9.76 -17.66 6.61
CA VAL B 69 10.36 -18.90 6.08
C VAL B 69 9.84 -20.10 6.88
N GLY B 70 9.87 -19.99 8.19
CA GLY B 70 9.38 -21.10 9.02
C GLY B 70 7.93 -21.37 8.72
N ALA B 71 7.08 -20.33 8.67
CA ALA B 71 5.62 -20.48 8.54
C ALA B 71 5.25 -21.21 7.24
N ILE B 72 5.88 -20.83 6.11
CA ILE B 72 5.57 -21.51 4.83
C ILE B 72 6.19 -22.90 4.85
N SER B 73 7.38 -23.02 5.43
CA SER B 73 8.09 -24.33 5.50
C SER B 73 7.22 -25.33 6.26
N ALA B 74 6.56 -24.88 7.34
CA ALA B 74 5.73 -25.76 8.19
C ALA B 74 4.57 -26.37 7.38
N MET B 75 4.17 -25.73 6.28
CA MET B 75 3.02 -26.20 5.48
C MET B 75 3.44 -27.35 4.55
N GLY B 76 4.72 -27.74 4.51
CA GLY B 76 5.20 -28.89 3.72
C GLY B 76 5.21 -28.69 2.20
N VAL B 77 5.24 -27.45 1.73
CA VAL B 77 5.05 -27.09 0.29
C VAL B 77 6.40 -26.66 -0.32
N LEU B 78 7.48 -26.59 0.45
CA LEU B 78 8.77 -26.08 -0.07
C LEU B 78 9.73 -27.25 -0.34
N GLU B 79 10.35 -27.23 -1.52
CA GLU B 79 11.37 -28.22 -1.93
C GLU B 79 12.62 -27.96 -1.09
N PRO B 80 13.26 -29.01 -0.53
CA PRO B 80 14.50 -28.84 0.20
C PRO B 80 15.57 -28.26 -0.74
N VAL B 81 16.42 -27.38 -0.26
CA VAL B 81 17.44 -26.69 -1.08
C VAL B 81 18.81 -26.83 -0.39
N ASP B 82 19.01 -27.88 0.42
CA ASP B 82 20.36 -28.16 1.01
C ASP B 82 21.42 -28.23 -0.11
N ASP B 83 21.07 -28.83 -1.27
CA ASP B 83 22.00 -29.06 -2.39
C ASP B 83 22.45 -27.70 -2.92
N VAL B 84 21.52 -26.75 -3.10
CA VAL B 84 21.89 -25.39 -3.60
C VAL B 84 22.80 -24.72 -2.58
N LEU B 85 22.49 -24.82 -1.29
CA LEU B 85 23.27 -24.11 -0.24
C LEU B 85 24.69 -24.68 -0.21
N GLU B 86 24.82 -25.99 -0.35
CA GLU B 86 26.13 -26.69 -0.44
C GLU B 86 26.90 -26.14 -1.65
N ALA B 87 26.30 -26.07 -2.82
CA ALA B 87 26.93 -25.55 -4.05
C ALA B 87 27.43 -24.11 -3.81
N LEU B 88 26.78 -23.31 -2.96
CA LEU B 88 27.20 -21.91 -2.67
C LEU B 88 28.21 -21.86 -1.53
N GLY B 89 28.64 -23.00 -0.99
CA GLY B 89 29.72 -23.09 0.02
C GLY B 89 29.25 -23.52 1.40
N GLY B 90 27.97 -23.86 1.58
CA GLY B 90 27.47 -24.48 2.81
C GLY B 90 27.31 -23.47 3.94
N GLU B 91 27.13 -23.95 5.17
CA GLU B 91 26.83 -23.13 6.37
C GLU B 91 27.89 -22.03 6.55
N LYS B 92 29.15 -22.29 6.19
CA LYS B 92 30.25 -21.35 6.51
C LYS B 92 30.19 -20.16 5.55
N ALA B 93 29.47 -20.27 4.44
CA ALA B 93 29.38 -19.18 3.43
C ALA B 93 28.41 -18.09 3.92
N TYR B 94 27.77 -18.29 5.07
CA TYR B 94 26.75 -17.39 5.64
C TYR B 94 27.04 -17.10 7.11
N LEU B 95 26.74 -15.87 7.52
CA LEU B 95 26.44 -15.44 8.90
C LEU B 95 25.51 -16.47 9.53
N PRO B 96 25.74 -16.88 10.79
CA PRO B 96 24.78 -17.73 11.50
C PRO B 96 23.34 -17.19 11.48
N ALA B 97 23.13 -15.88 11.64
CA ALA B 97 21.79 -15.24 11.66
C ALA B 97 21.09 -15.52 10.32
N VAL B 98 21.84 -15.44 9.23
CA VAL B 98 21.30 -15.67 7.88
C VAL B 98 20.99 -17.17 7.74
N TRP B 99 21.89 -18.03 8.20
CA TRP B 99 21.75 -19.51 8.13
C TRP B 99 20.48 -19.97 8.85
N ARG B 100 20.10 -19.34 9.98
CA ARG B 100 18.88 -19.71 10.74
C ARG B 100 17.63 -19.46 9.88
N THR B 101 17.67 -18.51 8.94
CA THR B 101 16.48 -18.14 8.12
C THR B 101 16.31 -19.13 6.97
N THR B 102 17.23 -20.08 6.77
CA THR B 102 17.15 -21.08 5.67
C THR B 102 16.19 -22.21 6.01
N ARG B 103 15.57 -22.20 7.19
CA ARG B 103 14.78 -23.34 7.68
C ARG B 103 13.83 -22.91 8.78
N LEU B 104 12.77 -23.67 8.97
CA LEU B 104 11.95 -23.64 10.21
C LEU B 104 12.87 -24.07 11.36
N GLU B 105 12.79 -23.39 12.49
CA GLU B 105 13.65 -23.71 13.66
C GLU B 105 13.46 -25.19 14.00
N GLY B 106 14.55 -25.89 14.23
CA GLY B 106 14.54 -27.31 14.58
C GLY B 106 14.50 -28.20 13.37
N ALA B 107 14.27 -27.71 12.14
CA ALA B 107 14.05 -28.60 10.97
C ALA B 107 15.38 -29.17 10.47
N ARG B 108 15.33 -30.38 9.93
CA ARG B 108 16.47 -31.15 9.33
C ARG B 108 16.98 -30.47 8.05
N GLN B 109 16.10 -29.97 7.18
CA GLN B 109 16.44 -29.60 5.78
C GLN B 109 16.18 -28.10 5.56
N ALA B 110 17.05 -27.46 4.77
CA ALA B 110 16.90 -26.05 4.39
C ALA B 110 15.77 -26.01 3.37
N THR B 111 14.92 -25.00 3.46
CA THR B 111 13.79 -24.77 2.54
C THR B 111 13.87 -23.40 1.91
N ALA B 112 14.94 -22.62 2.13
CA ALA B 112 15.07 -21.28 1.55
C ALA B 112 16.54 -20.93 1.34
N VAL B 113 16.84 -20.31 0.22
CA VAL B 113 18.16 -19.80 -0.20
C VAL B 113 18.27 -18.31 0.11
N PRO B 114 19.28 -17.88 0.91
CA PRO B 114 19.44 -16.47 1.26
C PRO B 114 19.63 -15.62 0.00
N TRP B 115 18.90 -14.52 -0.10
CA TRP B 115 18.95 -13.64 -1.30
C TRP B 115 19.53 -12.30 -0.90
N PHE B 116 18.91 -11.62 0.06
CA PHE B 116 19.49 -10.33 0.52
C PHE B 116 19.17 -10.13 1.99
N SER B 117 19.95 -9.26 2.62
CA SER B 117 19.85 -8.93 4.06
C SER B 117 19.51 -7.46 4.16
N GLU B 118 18.88 -7.10 5.26
CA GLU B 118 18.54 -5.68 5.54
C GLU B 118 18.40 -5.53 7.05
N LEU B 119 18.70 -4.34 7.55
CA LEU B 119 18.51 -4.08 9.00
C LEU B 119 18.16 -2.62 9.11
N ARG B 120 17.60 -2.24 10.25
CA ARG B 120 16.99 -0.91 10.39
C ARG B 120 17.93 0.03 11.16
N ALA B 121 17.88 1.30 10.80
CA ALA B 121 18.61 2.41 11.45
C ALA B 121 17.83 3.66 11.16
N PHE B 122 18.24 4.78 11.75
CA PHE B 122 17.54 6.08 11.62
C PHE B 122 18.20 6.90 10.52
N TYR B 123 17.41 7.25 9.51
CA TYR B 123 17.77 8.37 8.60
C TYR B 123 17.46 9.65 9.35
N TYR B 124 18.25 10.69 9.13
CA TYR B 124 17.96 12.02 9.69
C TYR B 124 18.42 13.11 8.73
N ARG B 125 17.80 14.27 8.84
CA ARG B 125 18.12 15.48 8.05
C ARG B 125 19.30 16.15 8.75
N THR B 126 20.48 16.06 8.15
CA THR B 126 21.73 16.70 8.67
C THR B 126 21.48 18.20 8.86
N ASP B 127 20.83 18.87 7.89
CA ASP B 127 20.46 20.31 7.97
C ASP B 127 19.54 20.57 9.17
N ALA B 128 18.54 19.73 9.40
CA ALA B 128 17.51 19.93 10.44
C ALA B 128 18.14 19.75 11.82
N LEU B 129 18.95 18.73 12.00
CA LEU B 129 19.56 18.48 13.34
C LEU B 129 20.60 19.57 13.64
N LYS B 130 21.38 20.02 12.66
CA LYS B 130 22.38 21.10 12.89
C LYS B 130 21.65 22.40 13.29
N ALA B 131 20.57 22.79 12.60
CA ALA B 131 19.78 24.00 12.91
C ALA B 131 19.14 23.88 14.31
N ALA B 132 18.74 22.67 14.75
CA ALA B 132 18.10 22.45 16.07
C ALA B 132 19.15 22.46 17.18
N GLY B 133 20.46 22.42 16.84
CA GLY B 133 21.56 22.23 17.79
C GLY B 133 21.60 20.82 18.36
N VAL B 134 21.23 19.81 17.59
CA VAL B 134 21.21 18.40 18.08
C VAL B 134 22.47 17.71 17.56
N ASN B 135 23.29 17.18 18.46
CA ASN B 135 24.40 16.30 18.08
C ASN B 135 23.83 14.90 17.80
N PRO B 136 23.92 14.44 16.55
CA PRO B 136 23.38 13.14 16.17
C PRO B 136 23.89 12.00 17.04
N ALA B 137 25.21 11.96 17.30
CA ALA B 137 25.82 10.81 18.00
C ALA B 137 25.19 10.68 19.38
N GLU B 138 24.93 11.82 20.05
CA GLU B 138 24.23 11.87 21.37
C GLU B 138 22.74 11.53 21.26
N MET B 139 22.03 12.07 20.27
CA MET B 139 20.58 11.81 20.11
C MET B 139 20.35 10.30 19.87
N PHE B 140 21.19 9.63 19.09
CA PHE B 140 20.95 8.23 18.71
C PHE B 140 21.73 7.27 19.62
N ALA B 141 22.32 7.72 20.72
CA ALA B 141 23.09 6.83 21.61
C ALA B 141 22.20 6.18 22.68
N SER B 142 21.13 6.83 23.15
CA SER B 142 20.32 6.38 24.32
C SER B 142 18.87 6.81 24.16
N TRP B 143 17.97 6.24 24.93
CA TRP B 143 16.57 6.69 24.91
C TRP B 143 16.43 8.12 25.38
N GLN B 144 17.10 8.51 26.47
CA GLN B 144 17.06 9.93 26.97
C GLN B 144 17.54 10.86 25.86
N GLY B 145 18.70 10.57 25.23
CA GLY B 145 19.23 11.39 24.12
C GLY B 145 18.20 11.51 23.00
N PHE B 146 17.51 10.41 22.71
CA PHE B 146 16.59 10.30 21.54
C PHE B 146 15.39 11.21 21.78
N GLU B 147 14.82 11.14 22.98
CA GLU B 147 13.70 12.03 23.36
C GLU B 147 14.14 13.50 23.43
N ALA B 148 15.32 13.74 24.02
CA ALA B 148 15.89 15.12 24.16
C ALA B 148 16.06 15.75 22.78
N GLY B 149 16.56 14.97 21.80
CA GLY B 149 16.74 15.41 20.41
C GLY B 149 15.41 15.72 19.76
N LEU B 150 14.41 14.87 19.92
CA LEU B 150 13.09 15.11 19.33
C LEU B 150 12.51 16.40 19.90
N ALA B 151 12.70 16.64 21.21
CA ALA B 151 12.16 17.86 21.86
C ALA B 151 12.84 19.09 21.22
N ARG B 152 14.16 19.08 21.04
CA ARG B 152 14.82 20.24 20.38
C ARG B 152 14.28 20.35 18.96
N LEU B 153 14.10 19.24 18.22
CA LEU B 153 13.64 19.31 16.82
C LEU B 153 12.24 19.90 16.80
N LYS B 154 11.43 19.59 17.79
CA LYS B 154 10.02 20.09 17.88
C LYS B 154 10.06 21.61 18.09
N ALA B 155 10.94 22.11 18.93
CA ALA B 155 11.05 23.55 19.29
C ALA B 155 11.74 24.31 18.16
N SER B 156 12.51 23.66 17.26
CA SER B 156 13.34 24.33 16.23
C SER B 156 12.44 25.25 15.40
N SER B 157 13.00 26.36 14.93
CA SER B 157 12.36 27.25 13.92
C SER B 157 12.81 26.87 12.50
N PHE B 158 13.59 25.79 12.31
CA PHE B 158 14.05 25.37 10.96
C PHE B 158 12.84 25.11 10.07
N ARG B 159 12.91 25.50 8.80
CA ARG B 159 11.87 25.16 7.78
C ARG B 159 12.56 24.51 6.58
N ASP B 160 11.94 23.50 5.98
CA ASP B 160 12.50 22.88 4.75
C ASP B 160 12.64 23.97 3.71
N PRO B 161 13.81 24.09 3.04
CA PRO B 161 13.99 25.11 2.00
C PRO B 161 12.90 25.03 0.92
N GLU B 162 12.54 23.81 0.49
CA GLU B 162 11.54 23.57 -0.60
C GLU B 162 10.09 23.74 -0.07
N THR B 163 9.70 23.10 1.04
CA THR B 163 8.30 23.16 1.56
C THR B 163 8.03 24.50 2.22
N LYS B 164 9.07 25.17 2.73
CA LYS B 164 8.93 26.41 3.56
C LYS B 164 8.10 26.13 4.83
N ALA B 165 8.01 24.88 5.27
CA ALA B 165 7.23 24.47 6.47
C ALA B 165 8.15 23.76 7.46
N PRO B 166 7.71 23.66 8.74
CA PRO B 166 8.47 22.92 9.76
C PRO B 166 8.50 21.44 9.36
N LEU B 167 9.45 20.71 9.91
CA LEU B 167 9.58 19.24 9.77
C LEU B 167 9.03 18.60 11.05
N ALA B 168 8.21 17.55 10.91
CA ALA B 168 7.86 16.66 12.03
C ALA B 168 9.18 16.13 12.57
N PRO B 169 9.41 16.07 13.89
CA PRO B 169 10.67 15.51 14.40
C PRO B 169 10.87 14.06 13.95
N LEU B 170 9.83 13.24 14.12
CA LEU B 170 9.88 11.79 13.81
C LEU B 170 8.60 11.38 13.07
N CYS B 171 8.76 10.69 11.94
CA CYS B 171 7.63 10.04 11.27
C CYS B 171 7.77 8.54 11.42
N THR B 172 6.66 7.88 11.79
CA THR B 172 6.62 6.41 11.87
C THR B 172 5.24 5.93 11.44
N PRO B 173 5.15 4.82 10.69
CA PRO B 173 3.85 4.35 10.21
C PRO B 173 3.07 3.74 11.37
N GLY B 174 1.80 4.11 11.46
CA GLY B 174 0.88 3.68 12.51
C GLY B 174 -0.04 2.57 12.05
N LYS B 175 -0.04 2.21 10.79
CA LYS B 175 -1.01 1.20 10.28
C LYS B 175 -0.44 0.41 9.10
N ASN B 176 -1.13 -0.69 8.82
CA ASN B 176 -0.99 -1.62 7.66
C ASN B 176 0.30 -2.45 7.59
N SER B 177 1.44 -1.80 7.50
CA SER B 177 2.76 -2.42 7.23
C SER B 177 3.29 -3.37 8.30
N TRP B 178 3.99 -4.40 7.84
CA TRP B 178 4.71 -5.33 8.74
C TRP B 178 5.68 -4.49 9.57
N ASP B 179 6.15 -3.39 9.00
CA ASP B 179 7.08 -2.48 9.69
C ASP B 179 6.44 -1.89 10.97
N VAL B 180 5.12 -1.88 11.13
CA VAL B 180 4.52 -1.47 12.42
C VAL B 180 5.07 -2.38 13.53
N LEU B 181 5.25 -3.69 13.26
CA LEU B 181 5.91 -4.59 14.23
C LEU B 181 7.42 -4.31 14.22
N HIS B 182 8.06 -4.27 13.05
CA HIS B 182 9.57 -4.24 13.02
C HIS B 182 10.09 -2.93 13.65
N ASN B 183 9.31 -1.85 13.59
CA ASN B 183 9.64 -0.51 14.13
C ASN B 183 9.43 -0.46 15.65
N ALA B 184 8.51 -1.26 16.21
CA ALA B 184 8.26 -1.38 17.66
C ALA B 184 9.28 -2.29 18.35
N ALA B 185 9.78 -3.29 17.63
CA ALA B 185 10.59 -4.38 18.20
C ALA B 185 11.85 -3.82 18.88
N PRO B 186 12.65 -2.89 18.34
CA PRO B 186 13.86 -2.44 19.01
C PRO B 186 13.59 -1.78 20.37
N TRP B 187 12.47 -1.09 20.52
CA TRP B 187 12.10 -0.43 21.83
C TRP B 187 11.70 -1.53 22.81
N ILE B 188 10.86 -2.48 22.38
CA ILE B 188 10.54 -3.68 23.23
C ILE B 188 11.84 -4.40 23.65
N TRP B 189 12.73 -4.67 22.71
CA TRP B 189 13.97 -5.43 22.98
C TRP B 189 14.92 -4.64 23.89
N GLY B 190 15.02 -3.34 23.66
CA GLY B 190 15.94 -2.44 24.38
C GLY B 190 15.51 -2.27 25.81
N ALA B 191 14.22 -2.49 26.09
CA ALA B 191 13.70 -2.41 27.46
C ALA B 191 13.84 -3.76 28.17
N GLY B 192 14.29 -4.81 27.46
CA GLY B 192 14.51 -6.16 28.02
C GLY B 192 13.35 -7.09 27.73
N GLY B 193 12.37 -6.62 26.94
CA GLY B 193 11.20 -7.41 26.53
C GLY B 193 11.48 -8.23 25.25
N GLU B 194 10.43 -8.80 24.70
CA GLU B 194 10.47 -9.55 23.44
CA GLU B 194 10.46 -9.56 23.44
C GLU B 194 9.05 -9.65 22.88
N ILE B 195 8.93 -10.08 21.63
CA ILE B 195 7.61 -10.32 20.99
C ILE B 195 7.08 -11.65 21.52
N VAL B 196 7.93 -12.67 21.56
CA VAL B 196 7.52 -14.03 22.03
C VAL B 196 8.60 -14.61 22.92
N ARG B 197 8.23 -15.58 23.76
CA ARG B 197 9.16 -16.33 24.64
C ARG B 197 8.71 -17.80 24.71
N GLN B 198 9.67 -18.70 24.95
CA GLN B 198 9.42 -20.15 25.18
C GLN B 198 9.05 -20.34 26.65
N ALA B 199 7.85 -20.87 26.95
CA ALA B 199 7.33 -21.07 28.33
C ALA B 199 6.90 -22.53 28.58
N GLY B 200 7.87 -23.43 28.74
CA GLY B 200 7.57 -24.85 28.99
C GLY B 200 7.12 -25.51 27.70
N GLY B 201 8.05 -25.60 26.74
CA GLY B 201 7.89 -26.30 25.46
C GLY B 201 7.13 -25.48 24.42
N ARG B 202 6.49 -24.37 24.80
CA ARG B 202 5.46 -23.67 23.96
C ARG B 202 5.91 -22.23 23.75
N TRP B 203 5.75 -21.68 22.55
CA TRP B 203 5.99 -20.23 22.33
C TRP B 203 4.72 -19.49 22.74
N GLN B 204 4.85 -18.35 23.40
CA GLN B 204 3.68 -17.46 23.65
C GLN B 204 4.11 -15.99 23.49
N SER B 205 3.11 -15.12 23.35
CA SER B 205 3.31 -13.66 23.31
C SER B 205 3.96 -13.22 24.62
N ALA B 206 4.95 -12.34 24.52
CA ALA B 206 5.50 -11.59 25.66
C ALA B 206 5.25 -10.10 25.48
N LEU B 207 4.31 -9.72 24.59
CA LEU B 207 4.04 -8.27 24.32
C LEU B 207 3.43 -7.62 25.57
N ASN B 208 2.90 -8.41 26.50
CA ASN B 208 2.25 -7.89 27.73
C ASN B 208 3.14 -8.13 28.96
N SER B 209 4.42 -8.48 28.77
CA SER B 209 5.39 -8.62 29.87
C SER B 209 5.66 -7.21 30.35
N PRO B 210 6.08 -7.02 31.61
CA PRO B 210 6.34 -5.67 32.10
C PRO B 210 7.38 -4.91 31.26
N GLU B 211 8.49 -5.54 30.88
CA GLU B 211 9.55 -4.81 30.10
C GLU B 211 9.08 -4.55 28.64
N SER B 212 8.30 -5.42 28.04
CA SER B 212 7.71 -5.19 26.69
C SER B 212 6.80 -3.95 26.73
N LEU B 213 5.94 -3.86 27.75
CA LEU B 213 5.05 -2.69 27.94
C LEU B 213 5.91 -1.43 28.20
N GLU B 214 7.02 -1.52 28.96
CA GLU B 214 7.85 -0.32 29.21
C GLU B 214 8.43 0.20 27.89
N GLY B 215 9.01 -0.67 27.09
CA GLY B 215 9.55 -0.28 25.78
C GLY B 215 8.50 0.29 24.85
N LEU B 216 7.39 -0.41 24.76
CA LEU B 216 6.35 -0.05 23.79
C LEU B 216 5.79 1.30 24.22
N TYR B 217 5.55 1.49 25.51
CA TYR B 217 4.99 2.74 26.05
C TYR B 217 5.93 3.92 25.76
N PHE B 218 7.24 3.75 25.95
CA PHE B 218 8.20 4.85 25.66
C PHE B 218 8.01 5.29 24.21
N PHE B 219 7.99 4.33 23.29
CA PHE B 219 7.83 4.55 21.83
C PHE B 219 6.51 5.29 21.53
N LEU B 220 5.40 4.77 22.03
CA LEU B 220 4.05 5.36 21.82
C LEU B 220 4.02 6.78 22.42
N SER B 221 4.67 6.99 23.56
CA SER B 221 4.67 8.28 24.29
C SER B 221 5.36 9.38 23.44
N LEU B 222 6.15 9.00 22.46
CA LEU B 222 6.80 10.00 21.57
C LEU B 222 5.72 10.68 20.71
N ALA B 223 4.71 9.94 20.24
CA ALA B 223 3.54 10.53 19.53
C ALA B 223 2.73 11.35 20.53
N GLN B 224 2.53 10.83 21.74
CA GLN B 224 1.71 11.48 22.79
C GLN B 224 2.31 12.85 23.08
N LYS B 225 3.64 12.97 23.08
CA LYS B 225 4.33 14.25 23.37
C LYS B 225 4.34 15.17 22.14
N GLY B 226 3.78 14.77 21.01
CA GLY B 226 3.70 15.63 19.81
C GLY B 226 4.98 15.59 18.99
N TYR B 227 5.85 14.58 19.15
CA TYR B 227 7.07 14.42 18.31
C TYR B 227 6.73 13.73 16.98
N VAL B 228 5.65 12.93 16.98
CA VAL B 228 5.11 12.26 15.77
C VAL B 228 3.79 12.94 15.45
N PRO B 229 3.54 13.47 14.25
CA PRO B 229 2.26 14.10 13.96
C PRO B 229 1.13 13.05 13.94
N ALA B 230 -0.05 13.43 14.40
CA ALA B 230 -1.26 12.59 14.44
C ALA B 230 -1.47 11.90 13.08
N GLU B 231 -1.33 12.62 11.96
CA GLU B 231 -1.52 12.11 10.57
C GLU B 231 -0.68 10.82 10.37
N SER B 232 0.57 10.81 10.85
CA SER B 232 1.52 9.69 10.65
C SER B 232 0.93 8.39 11.22
N LEU B 233 0.11 8.50 12.28
CA LEU B 233 -0.43 7.34 13.03
C LEU B 233 -1.46 6.58 12.18
N GLU B 234 -1.95 7.14 11.08
CA GLU B 234 -2.90 6.43 10.18
C GLU B 234 -2.17 5.99 8.91
N LYS B 235 -0.87 6.25 8.78
CA LYS B 235 -0.10 5.97 7.53
C LYS B 235 0.69 4.67 7.59
N ASN B 236 1.07 4.18 6.42
CA ASN B 236 1.85 2.94 6.23
C ASN B 236 3.26 3.36 5.85
N THR B 237 4.15 2.38 5.66
CA THR B 237 5.59 2.60 5.46
C THR B 237 5.82 3.43 4.21
N ALA B 238 5.14 3.09 3.12
CA ALA B 238 5.38 3.73 1.80
C ALA B 238 5.07 5.23 1.96
N GLN B 239 3.99 5.55 2.63
CA GLN B 239 3.55 6.95 2.80
C GLN B 239 4.52 7.74 3.69
N ILE B 240 4.99 7.14 4.80
CA ILE B 240 6.02 7.77 5.69
C ILE B 240 7.30 7.97 4.88
N GLU B 241 7.75 6.97 4.14
CA GLU B 241 8.91 7.12 3.24
C GLU B 241 8.71 8.34 2.32
N ALA B 242 7.53 8.43 1.69
CA ALA B 242 7.27 9.52 0.74
C ALA B 242 7.32 10.87 1.49
N ASP B 243 6.88 10.89 2.73
CA ASP B 243 6.82 12.10 3.57
C ASP B 243 8.25 12.54 3.87
N PHE B 244 9.12 11.60 4.22
CA PHE B 244 10.55 11.92 4.44
C PHE B 244 11.15 12.50 3.15
N GLN B 245 10.94 11.84 2.00
CA GLN B 245 11.60 12.26 0.72
C GLN B 245 11.12 13.65 0.36
N ALA B 246 9.85 13.96 0.67
CA ALA B 246 9.16 15.22 0.36
C ALA B 246 9.60 16.30 1.33
N GLY B 247 10.41 15.99 2.34
CA GLY B 247 11.00 17.02 3.22
C GLY B 247 10.14 17.35 4.43
N LYS B 248 9.28 16.43 4.88
CA LYS B 248 8.28 16.71 5.93
C LYS B 248 8.65 16.11 7.31
N CYS B 249 9.69 15.28 7.43
CA CYS B 249 10.12 14.59 8.68
C CYS B 249 11.63 14.81 8.84
N ALA B 250 12.10 15.09 10.05
CA ALA B 250 13.57 15.21 10.32
C ALA B 250 14.21 13.83 10.49
N VAL B 251 13.46 12.89 11.05
CA VAL B 251 13.95 11.54 11.41
C VAL B 251 12.97 10.46 10.95
N PHE B 252 13.47 9.31 10.49
CA PHE B 252 12.62 8.11 10.30
C PHE B 252 13.47 6.88 10.15
N ALA B 253 12.94 5.77 10.59
CA ALA B 253 13.61 4.46 10.61
C ALA B 253 13.38 3.75 9.29
N SER B 254 14.46 3.32 8.65
CA SER B 254 14.33 2.52 7.44
C SER B 254 15.54 1.62 7.27
N GLY B 255 15.54 0.89 6.15
CA GLY B 255 16.66 0.01 5.78
C GLY B 255 17.65 0.68 4.86
N PRO B 256 18.69 -0.05 4.45
CA PRO B 256 19.74 0.54 3.63
C PRO B 256 19.33 0.87 2.18
N TRP B 257 18.16 0.42 1.73
CA TRP B 257 17.67 0.68 0.34
C TRP B 257 17.49 2.19 0.11
N MET B 258 17.22 2.97 1.15
CA MET B 258 16.98 4.42 0.94
C MET B 258 18.23 5.13 0.48
N ILE B 259 19.43 4.66 0.87
CA ILE B 259 20.71 5.21 0.34
C ILE B 259 20.70 5.13 -1.20
N GLN B 260 20.29 3.99 -1.74
CA GLN B 260 20.20 3.76 -3.21
C GLN B 260 19.11 4.66 -3.80
N ARG B 261 17.93 4.77 -3.13
CA ARG B 261 16.82 5.64 -3.64
C ARG B 261 17.31 7.10 -3.70
N ALA B 262 18.17 7.51 -2.75
CA ALA B 262 18.66 8.90 -2.65
C ALA B 262 19.54 9.27 -3.86
N GLN B 263 20.05 8.29 -4.59
CA GLN B 263 21.06 8.51 -5.67
C GLN B 263 20.41 8.32 -7.04
N VAL B 264 19.08 8.29 -7.13
CA VAL B 264 18.40 7.93 -8.40
C VAL B 264 17.28 8.95 -8.59
N PRO B 265 17.08 9.54 -9.81
CA PRO B 265 16.05 10.56 -9.98
C PRO B 265 14.64 9.98 -9.81
N GLU B 266 13.67 10.87 -9.62
CA GLU B 266 12.23 10.51 -9.37
C GLU B 266 11.71 9.63 -10.50
N ALA B 267 12.11 9.97 -11.74
CA ALA B 267 11.78 9.26 -13.00
C ALA B 267 12.06 7.76 -12.84
N LYS B 268 13.11 7.39 -12.10
CA LYS B 268 13.56 5.97 -11.95
C LYS B 268 13.20 5.44 -10.59
N GLY B 269 12.32 6.14 -9.86
CA GLY B 269 11.76 5.70 -8.57
C GLY B 269 12.60 6.12 -7.36
N GLY B 270 13.58 7.04 -7.51
CA GLY B 270 14.34 7.58 -6.36
C GLY B 270 13.93 8.99 -5.97
N PHE B 271 14.80 9.75 -5.28
CA PHE B 271 14.50 11.12 -4.79
C PHE B 271 15.76 11.98 -4.81
N ALA B 272 16.68 11.71 -5.74
CA ALA B 272 17.97 12.42 -5.87
C ALA B 272 17.75 13.95 -5.95
N GLU B 273 16.64 14.40 -6.58
CA GLU B 273 16.36 15.85 -6.79
C GLU B 273 15.98 16.54 -5.46
N ARG B 274 15.61 15.79 -4.41
CA ARG B 274 15.02 16.42 -3.19
C ARG B 274 16.11 16.90 -2.22
N THR B 275 15.78 17.94 -1.47
CA THR B 275 16.59 18.43 -0.32
CA THR B 275 16.56 18.44 -0.32
C THR B 275 16.98 17.28 0.61
N ALA B 276 16.08 16.37 0.94
CA ALA B 276 16.36 15.32 1.94
C ALA B 276 17.54 14.46 1.42
N ALA B 277 17.63 14.20 0.11
CA ALA B 277 18.68 13.34 -0.49
C ALA B 277 20.06 14.00 -0.31
N LYS B 278 20.09 15.33 -0.32
CA LYS B 278 21.33 16.13 -0.29
C LYS B 278 21.74 16.43 1.14
N ASN B 279 20.94 16.06 2.14
CA ASN B 279 21.15 16.40 3.56
C ASN B 279 20.83 15.14 4.38
N LEU B 280 21.39 14.01 4.00
CA LEU B 280 20.97 12.68 4.52
C LEU B 280 22.07 12.17 5.47
N GLY B 281 21.72 11.89 6.70
CA GLY B 281 22.58 11.13 7.62
C GLY B 281 21.92 9.84 8.02
N VAL B 282 22.70 8.93 8.58
CA VAL B 282 22.20 7.65 9.17
C VAL B 282 22.81 7.49 10.54
N ALA B 283 22.03 7.04 11.52
CA ALA B 283 22.56 6.65 12.83
C ALA B 283 21.87 5.37 13.27
N PRO B 284 22.51 4.54 14.12
CA PRO B 284 21.90 3.32 14.61
C PRO B 284 20.83 3.63 15.65
N TYR B 285 19.99 2.63 15.91
CA TYR B 285 19.07 2.61 17.05
C TYR B 285 19.87 2.91 18.34
N PRO B 286 19.27 3.73 19.22
CA PRO B 286 19.84 3.97 20.55
C PRO B 286 19.76 2.70 21.40
N ALA B 287 20.65 2.62 22.36
CA ALA B 287 20.65 1.63 23.45
C ALA B 287 19.45 1.93 24.36
N GLY B 288 18.66 0.92 24.71
CA GLY B 288 17.72 1.03 25.82
C GLY B 288 18.39 0.73 27.16
N PRO B 289 17.61 0.71 28.24
CA PRO B 289 18.13 0.34 29.55
C PRO B 289 18.67 -1.09 29.66
N LYS B 290 18.23 -2.06 28.84
CA LYS B 290 18.69 -3.46 29.05
C LYS B 290 19.54 -3.92 27.86
N GLY B 291 19.77 -3.09 26.87
CA GLY B 291 20.47 -3.60 25.69
C GLY B 291 20.20 -2.78 24.48
N ARG B 292 20.90 -3.08 23.39
CA ARG B 292 20.86 -2.25 22.16
C ARG B 292 20.58 -3.16 20.98
N TYR B 293 19.48 -2.91 20.29
CA TYR B 293 18.94 -3.86 19.30
C TYR B 293 18.34 -3.06 18.15
N THR B 294 18.42 -3.63 16.95
CA THR B 294 17.65 -3.23 15.78
C THR B 294 17.06 -4.47 15.11
N PHE B 295 16.07 -4.28 14.29
CA PHE B 295 15.54 -5.36 13.43
C PHE B 295 16.56 -5.73 12.33
N PHE B 296 16.89 -6.98 12.26
CA PHE B 296 17.65 -7.64 11.17
C PHE B 296 16.76 -8.65 10.47
N GLY B 297 16.58 -8.45 9.15
CA GLY B 297 15.91 -9.45 8.30
C GLY B 297 16.46 -9.49 6.91
N GLY B 298 15.57 -9.39 5.95
CA GLY B 298 15.90 -9.65 4.53
C GLY B 298 14.92 -10.62 3.90
N SER B 299 15.32 -11.17 2.77
CA SER B 299 14.48 -12.11 2.00
C SER B 299 15.30 -13.25 1.46
N ASN B 300 14.67 -14.40 1.42
CA ASN B 300 15.21 -15.64 0.82
C ASN B 300 14.38 -15.95 -0.44
N LEU B 301 14.78 -17.00 -1.12
CA LEU B 301 14.08 -17.54 -2.29
C LEU B 301 13.74 -18.99 -1.95
N ALA B 302 12.50 -19.38 -2.25
CA ALA B 302 11.94 -20.70 -1.93
C ALA B 302 11.35 -21.28 -3.23
N LEU B 303 11.51 -22.60 -3.37
CA LEU B 303 11.03 -23.38 -4.52
C LEU B 303 9.82 -24.17 -4.07
N PHE B 304 8.67 -23.94 -4.70
CA PHE B 304 7.46 -24.75 -4.40
C PHE B 304 7.67 -26.18 -4.88
N ASN B 305 7.26 -27.14 -4.04
CA ASN B 305 7.50 -28.57 -4.36
C ASN B 305 6.56 -29.01 -5.47
N PHE B 306 5.61 -28.16 -5.89
CA PHE B 306 4.73 -28.47 -7.04
C PHE B 306 5.31 -27.90 -8.33
N SER B 307 6.45 -27.21 -8.30
CA SER B 307 7.16 -26.75 -9.53
C SER B 307 7.40 -27.93 -10.49
N LYS B 308 7.15 -27.69 -11.77
CA LYS B 308 7.38 -28.68 -12.87
C LYS B 308 8.77 -28.47 -13.45
N ASN B 309 9.59 -27.58 -12.85
CA ASN B 309 10.92 -27.21 -13.39
C ASN B 309 11.96 -27.17 -12.28
N LYS B 310 12.03 -28.16 -11.41
CA LYS B 310 12.87 -28.10 -10.19
C LYS B 310 14.38 -28.04 -10.49
N PRO B 311 14.96 -28.86 -11.39
CA PRO B 311 16.39 -28.73 -11.71
C PRO B 311 16.76 -27.33 -12.23
N LEU B 312 15.95 -26.77 -13.13
CA LEU B 312 16.19 -25.44 -13.72
C LEU B 312 16.02 -24.38 -12.61
N ALA B 313 14.96 -24.49 -11.79
CA ALA B 313 14.71 -23.56 -10.66
C ALA B 313 15.91 -23.57 -9.72
N LYS B 314 16.50 -24.74 -9.46
CA LYS B 314 17.68 -24.81 -8.54
C LYS B 314 18.90 -24.13 -9.15
N GLU B 315 19.07 -24.24 -10.47
CA GLU B 315 20.16 -23.53 -11.18
C GLU B 315 19.93 -22.02 -11.02
N LEU B 316 18.67 -21.56 -11.08
CA LEU B 316 18.35 -20.11 -10.87
C LEU B 316 18.69 -19.75 -9.43
N LEU B 317 18.35 -20.58 -8.47
CA LEU B 317 18.66 -20.29 -7.05
C LEU B 317 20.19 -20.17 -6.86
N LYS B 318 20.93 -21.10 -7.44
CA LYS B 318 22.40 -21.11 -7.28
C LYS B 318 22.94 -19.81 -7.91
N TYR B 319 22.41 -19.40 -9.06
CA TYR B 319 22.83 -18.14 -9.74
C TYR B 319 22.52 -16.94 -8.84
N LEU B 320 21.28 -16.84 -8.35
CA LEU B 320 20.83 -15.63 -7.65
C LEU B 320 21.53 -15.53 -6.31
N GLY B 321 21.80 -16.67 -5.69
CA GLY B 321 22.47 -16.78 -4.40
C GLY B 321 23.99 -16.69 -4.49
N GLY B 322 24.56 -16.66 -5.71
CA GLY B 322 26.02 -16.69 -5.93
C GLY B 322 26.66 -15.30 -6.00
N PRO B 323 28.01 -15.25 -5.94
CA PRO B 323 28.74 -14.01 -5.72
C PRO B 323 28.39 -12.88 -6.70
N GLU B 324 28.34 -13.18 -8.01
CA GLU B 324 28.14 -12.15 -9.06
C GLU B 324 26.74 -11.52 -8.87
N ALA B 325 25.70 -12.35 -8.82
CA ALA B 325 24.30 -11.88 -8.79
C ALA B 325 24.05 -11.24 -7.41
N GLN B 326 24.73 -11.71 -6.37
CA GLN B 326 24.60 -11.16 -5.00
C GLN B 326 25.03 -9.69 -5.04
N VAL B 327 26.19 -9.42 -5.61
CA VAL B 327 26.71 -8.02 -5.62
C VAL B 327 25.83 -7.18 -6.54
N ARG B 328 25.53 -7.70 -7.74
CA ARG B 328 24.75 -6.91 -8.72
C ARG B 328 23.38 -6.55 -8.11
N TYR B 329 22.67 -7.48 -7.51
CA TYR B 329 21.31 -7.15 -7.03
C TYR B 329 21.38 -6.19 -5.82
N ALA B 330 22.37 -6.35 -4.97
CA ALA B 330 22.60 -5.44 -3.82
C ALA B 330 22.90 -4.04 -4.35
N GLN B 331 23.62 -3.90 -5.46
CA GLN B 331 23.89 -2.56 -6.06
C GLN B 331 22.58 -1.98 -6.59
N MET B 332 21.72 -2.78 -7.20
CA MET B 332 20.47 -2.28 -7.85
C MET B 332 19.44 -1.95 -6.77
N THR B 333 19.41 -2.69 -5.65
CA THR B 333 18.36 -2.55 -4.64
C THR B 333 18.81 -1.64 -3.48
N GLY B 334 20.10 -1.62 -3.16
CA GLY B 334 20.62 -0.99 -1.93
C GLY B 334 20.47 -1.89 -0.71
N MET B 335 20.11 -3.16 -0.91
CA MET B 335 20.11 -4.15 0.20
C MET B 335 21.54 -4.64 0.38
N LEU B 336 21.75 -5.46 1.40
CA LEU B 336 23.05 -6.07 1.67
C LEU B 336 22.99 -7.44 1.07
N PRO B 337 24.11 -7.93 0.50
CA PRO B 337 24.21 -9.31 0.09
C PRO B 337 23.94 -10.22 1.29
N ALA B 338 23.30 -11.36 1.02
CA ALA B 338 23.02 -12.37 2.03
C ALA B 338 24.27 -13.23 2.14
N LEU B 339 25.09 -13.35 1.08
CA LEU B 339 26.28 -14.24 1.06
C LEU B 339 27.44 -13.46 1.71
N ARG B 340 27.96 -13.96 2.85
CA ARG B 340 28.89 -13.26 3.79
C ARG B 340 30.00 -12.56 3.01
N SER B 341 30.57 -13.28 2.05
CA SER B 341 31.80 -12.94 1.33
C SER B 341 31.58 -11.64 0.56
N ALA B 342 30.38 -11.43 0.00
CA ALA B 342 30.05 -10.25 -0.82
C ALA B 342 30.04 -8.95 0.02
N TRP B 343 29.86 -9.01 1.36
CA TRP B 343 29.89 -7.84 2.30
C TRP B 343 31.22 -7.09 2.26
N SER B 344 32.31 -7.80 1.90
CA SER B 344 33.68 -7.26 1.75
C SER B 344 33.83 -6.51 0.42
N ASP B 345 33.01 -6.81 -0.61
CA ASP B 345 33.18 -6.19 -1.96
C ASP B 345 33.41 -4.68 -1.81
N PRO B 346 34.37 -4.08 -2.57
CA PRO B 346 34.74 -2.66 -2.41
C PRO B 346 33.56 -1.68 -2.60
N SER B 347 32.67 -1.99 -3.55
CA SER B 347 31.39 -1.30 -3.84
C SER B 347 30.68 -0.87 -2.53
N PHE B 348 30.66 -1.76 -1.52
CA PHE B 348 29.95 -1.60 -0.22
C PHE B 348 30.83 -0.89 0.80
N GLN B 349 32.09 -1.30 0.88
CA GLN B 349 33.16 -0.77 1.77
C GLN B 349 33.19 0.75 1.77
N GLN B 350 33.07 1.38 0.60
CA GLN B 350 33.51 2.79 0.40
C GLN B 350 32.31 3.72 0.52
N ASN B 351 31.13 3.16 0.80
CA ASN B 351 29.87 3.93 0.88
C ASN B 351 29.64 4.32 2.35
N PRO B 352 29.82 5.61 2.74
CA PRO B 352 29.79 6.00 4.14
C PRO B 352 28.49 5.68 4.89
N LEU B 353 27.34 5.98 4.30
CA LEU B 353 26.03 5.71 4.95
C LEU B 353 25.85 4.19 5.06
N LEU B 354 26.31 3.44 4.07
CA LEU B 354 26.12 1.98 4.05
C LEU B 354 27.00 1.33 5.14
N ARG B 355 28.19 1.85 5.34
CA ARG B 355 29.13 1.40 6.40
C ARG B 355 28.44 1.50 7.76
N THR B 356 27.57 2.49 7.95
CA THR B 356 26.86 2.67 9.22
C THR B 356 25.91 1.49 9.38
N PHE B 357 25.19 1.11 8.31
CA PHE B 357 24.30 -0.07 8.37
C PHE B 357 25.16 -1.30 8.68
N ILE B 358 26.24 -1.51 7.94
CA ILE B 358 27.05 -2.77 8.05
C ILE B 358 27.51 -2.89 9.51
N GLN B 359 27.97 -1.80 10.11
CA GLN B 359 28.61 -1.80 11.44
C GLN B 359 27.50 -1.80 12.53
N ALA B 360 26.26 -1.45 12.20
CA ALA B 360 25.12 -1.60 13.13
C ALA B 360 24.59 -3.07 13.18
N ALA B 361 24.95 -3.94 12.26
CA ALA B 361 24.57 -5.39 12.25
C ALA B 361 24.88 -6.06 13.60
N GLN B 362 25.91 -5.58 14.28
CA GLN B 362 26.33 -6.01 15.61
C GLN B 362 25.11 -6.10 16.57
N PHE B 363 24.13 -5.19 16.43
CA PHE B 363 22.96 -5.08 17.31
C PHE B 363 21.73 -5.71 16.66
N GLY B 364 21.89 -6.38 15.51
CA GLY B 364 20.78 -6.94 14.74
C GLY B 364 20.14 -8.09 15.49
N ARG B 365 18.82 -8.13 15.54
CA ARG B 365 18.09 -9.23 16.18
C ARG B 365 16.90 -9.56 15.28
N THR B 366 16.48 -10.79 15.26
CA THR B 366 15.27 -11.14 14.49
C THR B 366 14.45 -12.10 15.33
N TYR B 367 13.26 -12.38 14.80
CA TYR B 367 12.25 -13.18 15.49
C TYR B 367 12.65 -14.64 15.35
N PRO B 368 12.27 -15.49 16.30
CA PRO B 368 12.44 -16.94 16.10
C PRO B 368 11.64 -17.39 14.88
N SER B 369 12.15 -18.39 14.16
CA SER B 369 11.60 -18.90 12.87
C SER B 369 10.48 -19.90 13.14
N LEU B 370 9.29 -19.44 13.53
CA LEU B 370 8.19 -20.30 14.05
C LEU B 370 7.15 -20.52 12.95
N ALA B 371 6.54 -21.70 12.94
CA ALA B 371 5.33 -22.05 12.16
C ALA B 371 4.23 -20.98 12.34
N GLY B 372 4.05 -20.30 13.46
CA GLY B 372 2.87 -19.40 13.45
C GLY B 372 3.04 -18.02 12.78
N TRP B 373 4.20 -17.72 12.19
CA TRP B 373 4.74 -16.35 12.34
C TRP B 373 4.01 -15.36 11.45
N GLY B 374 3.62 -15.72 10.23
CA GLY B 374 2.84 -14.78 9.39
C GLY B 374 1.58 -14.30 10.10
N GLY B 375 0.89 -15.22 10.76
CA GLY B 375 -0.31 -14.90 11.57
C GLY B 375 0.02 -13.99 12.74
N VAL B 376 1.13 -14.26 13.42
CA VAL B 376 1.62 -13.41 14.53
C VAL B 376 1.86 -11.99 14.00
N GLU B 377 2.53 -11.83 12.85
CA GLU B 377 2.82 -10.50 12.31
C GLU B 377 1.50 -9.79 11.97
N ASN B 378 0.55 -10.48 11.38
CA ASN B 378 -0.77 -9.88 11.03
C ASN B 378 -1.45 -9.35 12.29
N LEU B 379 -1.50 -10.16 13.34
CA LEU B 379 -2.17 -9.76 14.58
C LEU B 379 -1.37 -8.67 15.27
N ALA B 380 -0.03 -8.74 15.23
CA ALA B 380 0.80 -7.77 15.95
C ALA B 380 0.54 -6.40 15.34
N VAL B 381 0.59 -6.35 14.01
CA VAL B 381 0.38 -5.11 13.21
C VAL B 381 -1.02 -4.57 13.51
N GLN B 382 -2.02 -5.42 13.59
CA GLN B 382 -3.42 -4.98 13.92
C GLN B 382 -3.47 -4.35 15.32
N HIS B 383 -2.93 -5.02 16.35
CA HIS B 383 -3.05 -4.55 17.76
C HIS B 383 -2.15 -3.34 17.99
N LEU B 384 -0.94 -3.34 17.43
CA LEU B 384 -0.04 -2.15 17.55
C LEU B 384 -0.71 -0.95 16.86
N GLY B 385 -1.33 -1.17 15.69
CA GLY B 385 -2.23 -0.18 15.04
C GLY B 385 -3.20 0.42 16.03
N MET B 386 -3.82 -0.40 16.89
CA MET B 386 -4.79 0.05 17.93
C MET B 386 -4.08 0.77 19.07
N ALA B 387 -2.83 0.45 19.37
CA ALA B 387 -2.08 1.22 20.39
C ALA B 387 -1.85 2.64 19.86
N TRP B 388 -1.47 2.79 18.59
CA TRP B 388 -1.24 4.11 17.96
C TRP B 388 -2.56 4.86 17.99
N ASP B 389 -3.70 4.16 17.78
CA ASP B 389 -5.04 4.79 17.91
C ASP B 389 -5.24 5.41 19.30
N LEU B 390 -4.77 4.76 20.39
CA LEU B 390 -5.01 5.28 21.75
C LEU B 390 -4.35 6.66 21.82
N VAL B 391 -3.20 6.83 21.18
CA VAL B 391 -2.49 8.15 21.17
C VAL B 391 -3.34 9.14 20.35
N ALA B 392 -3.68 8.78 19.10
CA ALA B 392 -4.55 9.59 18.21
C ALA B 392 -5.77 10.07 19.01
N GLN B 393 -6.41 9.21 19.82
CA GLN B 393 -7.65 9.53 20.60
C GLN B 393 -7.35 10.24 21.93
N GLY B 394 -6.09 10.47 22.33
CA GLY B 394 -5.73 11.01 23.66
C GLY B 394 -6.12 10.08 24.81
N ARG B 395 -6.10 8.76 24.60
CA ARG B 395 -6.59 7.73 25.57
C ARG B 395 -5.41 6.80 25.97
N LEU B 396 -4.17 7.19 25.73
CA LEU B 396 -2.99 6.34 26.05
C LEU B 396 -2.68 6.48 27.55
N THR B 397 -2.86 5.42 28.30
CA THR B 397 -2.43 5.19 29.69
C THR B 397 -1.71 3.84 29.77
N ARG B 398 -0.90 3.66 30.81
CA ARG B 398 -0.28 2.38 31.21
C ARG B 398 -1.35 1.28 31.17
N GLU B 399 -2.51 1.50 31.81
CA GLU B 399 -3.61 0.51 31.95
C GLU B 399 -4.27 0.17 30.59
N ALA B 400 -4.57 1.16 29.73
CA ALA B 400 -5.18 0.88 28.41
C ALA B 400 -4.16 0.15 27.53
N LEU B 401 -2.86 0.47 27.59
CA LEU B 401 -1.88 -0.29 26.81
C LEU B 401 -1.78 -1.73 27.33
N LYS B 402 -1.75 -1.93 28.65
CA LYS B 402 -1.69 -3.29 29.23
C LYS B 402 -2.89 -4.12 28.73
N ASP B 403 -4.11 -3.58 28.85
CA ASP B 403 -5.35 -4.31 28.44
C ASP B 403 -5.24 -4.71 26.95
N LEU B 404 -4.77 -3.79 26.11
CA LEU B 404 -4.67 -3.95 24.65
C LEU B 404 -3.63 -5.04 24.34
N MET B 405 -2.49 -5.05 25.02
CA MET B 405 -1.47 -6.07 24.74
C MET B 405 -1.85 -7.41 25.38
N ASP B 406 -2.67 -7.44 26.44
CA ASP B 406 -3.28 -8.72 26.90
C ASP B 406 -4.13 -9.34 25.78
N LYS B 407 -4.95 -8.54 25.11
CA LYS B 407 -5.80 -9.01 23.99
C LYS B 407 -4.91 -9.41 22.83
N ALA B 408 -3.85 -8.63 22.52
CA ALA B 408 -2.91 -9.01 21.47
C ALA B 408 -2.32 -10.37 21.80
N SER B 409 -1.91 -10.59 23.05
CA SER B 409 -1.21 -11.81 23.50
C SER B 409 -2.14 -13.01 23.37
N ALA B 410 -3.41 -12.88 23.74
CA ALA B 410 -4.42 -13.96 23.59
C ALA B 410 -4.51 -14.37 22.10
N ALA B 411 -4.60 -13.38 21.19
CA ALA B 411 -4.75 -13.56 19.73
C ALA B 411 -3.46 -14.17 19.17
N ILE B 412 -2.31 -13.66 19.59
CA ILE B 412 -1.02 -14.20 19.11
C ILE B 412 -0.86 -15.66 19.56
N ASN B 413 -1.23 -16.00 20.81
CA ASN B 413 -1.11 -17.39 21.34
C ASN B 413 -1.95 -18.35 20.47
N GLN B 414 -3.17 -17.97 20.09
CA GLN B 414 -4.02 -18.67 19.09
C GLN B 414 -3.24 -18.91 17.77
N ALA B 415 -2.63 -17.85 17.23
CA ALA B 415 -1.95 -17.84 15.92
C ALA B 415 -0.68 -18.72 15.97
N LEU B 416 -0.03 -18.88 17.13
CA LEU B 416 1.17 -19.76 17.24
C LEU B 416 0.76 -21.22 17.21
N ARG B 417 -0.42 -21.52 17.74
CA ARG B 417 -1.08 -22.87 17.72
C ARG B 417 -1.59 -23.25 16.31
N HIS B 418 -2.34 -22.36 15.61
CA HIS B 418 -3.03 -22.60 14.31
C HIS B 418 -3.56 -21.28 13.67
N HIS B 419 -3.89 -21.28 12.36
CA HIS B 419 -4.43 -20.13 11.57
C HIS B 419 -5.96 -20.07 11.64
C1 GLC C . -6.43 -2.80 -8.59
C2 GLC C . -6.46 -1.72 -9.68
C3 GLC C . -7.13 -0.45 -9.15
C4 GLC C . -7.10 -0.45 -7.60
C5 GLC C . -5.84 -1.11 -6.98
C6 GLC C . -4.54 -0.35 -6.93
O1 GLC C . -6.19 -4.10 -9.13
O2 GLC C . -5.14 -1.52 -10.20
O3 GLC C . -6.58 0.63 -9.88
O4 GLC C . -7.08 0.83 -6.93
O5 GLC C . -5.47 -2.34 -7.65
O6 GLC C . -3.83 -0.71 -5.73
C2 BGC C . -7.69 2.91 -5.89
C3 BGC C . -8.65 4.10 -5.91
C4 BGC C . -8.88 4.57 -7.33
C5 BGC C . -9.30 3.42 -8.23
C6 BGC C . -9.45 3.87 -9.67
C1 BGC C . -8.13 1.80 -6.87
O2 BGC C . -7.50 2.46 -4.55
O3 BGC C . -8.07 5.16 -5.16
O4 BGC C . -9.98 5.51 -7.39
O5 BGC C . -8.31 2.37 -8.16
O6 BGC C . -8.23 4.35 -10.23
C2 BGC C . -10.89 7.50 -8.32
C3 BGC C . -10.64 8.99 -8.52
C4 BGC C . -10.10 9.63 -7.24
C5 BGC C . -8.92 8.85 -6.69
C6 BGC C . -8.37 9.44 -5.42
C1 BGC C . -9.67 6.84 -7.66
O2 BGC C . -11.15 6.92 -9.58
O3 BGC C . -11.85 9.62 -8.95
O4 BGC C . -9.65 10.97 -7.47
O5 BGC C . -9.30 7.48 -6.44
O6 BGC C . -9.36 9.52 -4.36
C1 GLC D . 10.99 0.80 -0.61
C2 GLC D . 11.67 -0.53 -0.87
C3 GLC D . 10.90 -1.66 -0.18
C4 GLC D . 10.18 -1.07 1.05
C5 GLC D . 9.08 -0.19 0.48
C6 GLC D . 8.51 0.81 1.45
O1 GLC D . 11.48 1.81 -1.48
O2 GLC D . 11.79 -0.77 -2.27
O3 GLC D . 11.83 -2.72 0.00
O4 GLC D . 9.40 -1.90 1.93
O5 GLC D . 9.58 0.56 -0.66
O6 GLC D . 7.43 1.50 0.79
C2 BGC D . 8.75 -3.44 3.62
C3 BGC D . 9.18 -4.42 4.70
C4 BGC D . 10.35 -5.26 4.22
C5 BGC D . 11.44 -4.36 3.71
C6 BGC D . 12.66 -5.10 3.17
C1 BGC D . 9.92 -2.62 3.09
O2 BGC D . 7.67 -2.67 4.12
O3 BGC D . 8.00 -5.17 4.97
O4 BGC D . 10.88 -6.01 5.33
O5 BGC D . 10.95 -3.52 2.68
O6 BGC D . 12.36 -5.99 2.06
C2 BGC D . 11.81 -7.96 6.19
C3 BGC D . 11.59 -9.45 6.35
C4 BGC D . 10.21 -9.80 6.83
C5 BGC D . 9.17 -9.08 5.97
C6 BGC D . 7.75 -9.26 6.42
C1 BGC D . 10.67 -7.36 5.40
O2 BGC D . 13.05 -7.75 5.51
O3 BGC D . 12.56 -10.00 7.22
O4 BGC D . 10.01 -11.22 6.76
O5 BGC D . 9.42 -7.65 5.99
O6 BGC D . 7.63 -8.88 7.76
CL CL E . -20.67 15.29 -1.61
CL CL F . 4.97 -3.42 -15.37
NA NA G . -4.48 -15.24 -4.07
S SO2 H . -8.28 15.83 15.32
O1 SO2 H . -8.92 16.26 14.13
O2 SO2 H . -8.52 14.46 15.68
S SO4 I . 1.95 28.06 -23.31
O1 SO4 I . 0.63 28.58 -23.56
O2 SO4 I . 2.18 26.90 -24.15
O3 SO4 I . 2.07 27.68 -21.93
O4 SO4 I . 2.92 29.07 -23.64
C1 EDO J . 10.78 -0.15 -26.22
O1 EDO J . 11.50 0.37 -27.31
C2 EDO J . 10.68 0.84 -25.16
O2 EDO J . 10.24 2.07 -25.69
C1 EDO K . -20.04 22.84 11.94
O1 EDO K . -19.66 21.56 11.47
C2 EDO K . -21.27 22.81 12.75
O2 EDO K . -22.42 22.45 11.98
C CO3 L . -12.74 -23.58 10.29
O1 CO3 L . -14.01 -23.57 10.33
O2 CO3 L . -12.07 -24.14 11.24
O3 CO3 L . -12.14 -23.07 9.30
C CO3 M . -26.92 30.35 3.63
O1 CO3 M . -27.46 30.08 2.54
O2 CO3 M . -26.79 29.45 4.50
O3 CO3 M . -26.50 31.51 3.86
C CO3 N . -4.82 -12.48 4.95
O1 CO3 N . -4.40 -13.16 4.00
O2 CO3 N . -5.52 -11.44 4.73
O3 CO3 N . -4.52 -12.79 6.11
CL CL O . 11.17 -11.65 19.84
NA NA P . 9.26 -2.18 -13.39
S SO4 Q . 0.91 14.29 2.92
O1 SO4 Q . -0.41 13.75 2.65
O2 SO4 Q . 1.59 14.52 1.68
O3 SO4 Q . 1.64 13.34 3.71
O4 SO4 Q . 0.79 15.53 3.65
C1 EDO R . -0.89 6.48 33.68
O1 EDO R . -1.28 5.13 33.67
C2 EDO R . -0.35 6.89 32.40
O2 EDO R . -0.74 8.20 32.05
#